data_3O2X
#
_entry.id   3O2X
#
_cell.length_a   73.864
_cell.length_b   95.257
_cell.length_c   120.076
_cell.angle_alpha   90.00
_cell.angle_beta   90.00
_cell.angle_gamma   90.00
#
_symmetry.space_group_name_H-M   'P 21 21 21'
#
loop_
_entity.id
_entity.type
_entity.pdbx_description
1 polymer 'Collagenase 3'
2 non-polymer N-hydroxy-1-(2-methoxyethyl)-4-{[4-(3-{5-[4-(trifluoromethoxy)phenyl]-2H-tetrazol-2-yl}propoxy)phenyl]sulfonyl}piperidine-4-carboxamide
3 non-polymer 'ZINC ION'
4 non-polymer 'CALCIUM ION'
5 non-polymer 'SULFATE ION'
6 non-polymer '4-(2-HYDROXYETHYL)-1-PIPERAZINE ETHANESULFONIC ACID'
7 water water
#
_entity_poly.entity_id   1
_entity_poly.type   'polypeptide(L)'
_entity_poly.pdbx_seq_one_letter_code
;ANVFPRTLKWSKMNLTYRIVNYTPDMTHSEVEKAFKKAFKVWSDVTPLNFTRLHDGIADIMISFGIKEHGDFYPFDGPSG
LLAHAFPPGPNYGGDAHFDDDETWTSSSKGYNLFLVAAHEFGHSLGLDHSKDPGALMFPIYTYTGKSHFMLPDDDVQGIQ
SLYG
;
_entity_poly.pdbx_strand_id   A,B,C,D
#
loop_
_chem_comp.id
_chem_comp.type
_chem_comp.name
_chem_comp.formula
3O2 non-polymer N-hydroxy-1-(2-methoxyethyl)-4-{[4-(3-{5-[4-(trifluoromethoxy)phenyl]-2H-tetrazol-2-yl}propoxy)phenyl]sulfonyl}piperidine-4-carboxamide 'C26 H31 F3 N6 O7 S'
CA non-polymer 'CALCIUM ION' 'Ca 2'
EPE non-polymer '4-(2-HYDROXYETHYL)-1-PIPERAZINE ETHANESULFONIC ACID' 'C8 H18 N2 O4 S'
SO4 non-polymer 'SULFATE ION' 'O4 S -2'
ZN non-polymer 'ZINC ION' 'Zn 2'
#
# COMPACT_ATOMS: atom_id res chain seq x y z
N ALA A 1 -45.72 2.55 -23.66
CA ALA A 1 -44.56 1.90 -22.99
C ALA A 1 -43.41 2.88 -22.83
N ASN A 2 -42.50 2.56 -21.90
CA ASN A 2 -41.30 3.38 -21.67
C ASN A 2 -40.06 2.52 -21.44
N VAL A 3 -38.90 3.07 -21.79
CA VAL A 3 -37.62 2.47 -21.47
C VAL A 3 -36.91 3.36 -20.46
N PHE A 4 -35.85 2.85 -19.84
CA PHE A 4 -35.12 3.61 -18.82
C PHE A 4 -34.41 4.81 -19.44
N PRO A 5 -34.24 5.91 -18.67
CA PRO A 5 -33.54 7.08 -19.19
C PRO A 5 -32.04 6.84 -19.36
N ARG A 6 -31.30 7.91 -19.65
CA ARG A 6 -29.82 7.86 -19.68
C ARG A 6 -29.34 6.85 -20.72
N THR A 7 -28.05 6.57 -20.85
CA THR A 7 -26.93 7.38 -20.33
C THR A 7 -25.99 7.66 -21.50
N LEU A 8 -25.49 8.88 -21.61
CA LEU A 8 -24.66 9.24 -22.75
C LEU A 8 -23.51 10.18 -22.37
N LYS A 9 -23.81 11.46 -22.24
CA LYS A 9 -22.80 12.48 -22.02
C LYS A 9 -23.48 13.68 -21.39
N TRP A 10 -22.69 14.53 -20.74
CA TRP A 10 -23.22 15.74 -20.12
C TRP A 10 -23.76 16.65 -21.22
N SER A 11 -24.98 17.16 -21.02
N SER A 11 -24.98 17.17 -21.01
CA SER A 11 -25.61 18.07 -21.98
CA SER A 11 -25.62 18.07 -21.96
C SER A 11 -25.13 19.51 -21.82
C SER A 11 -25.10 19.50 -21.84
N LYS A 12 -24.20 19.73 -20.89
CA LYS A 12 -23.65 21.05 -20.62
C LYS A 12 -22.13 20.97 -20.58
N MET A 13 -21.47 22.03 -21.03
CA MET A 13 -20.01 22.09 -21.11
C MET A 13 -19.37 22.64 -19.84
N ASN A 14 -20.16 23.30 -18.99
CA ASN A 14 -19.65 23.85 -17.74
C ASN A 14 -20.17 23.00 -16.59
N LEU A 15 -19.28 22.16 -16.06
CA LEU A 15 -19.60 21.20 -15.02
C LEU A 15 -18.97 21.62 -13.70
N THR A 16 -19.60 21.23 -12.60
CA THR A 16 -19.08 21.56 -11.28
C THR A 16 -18.66 20.30 -10.54
N TYR A 17 -17.69 20.44 -9.64
CA TYR A 17 -17.31 19.35 -8.76
C TYR A 17 -17.11 19.84 -7.35
N ARG A 18 -17.25 18.93 -6.38
CA ARG A 18 -17.07 19.23 -4.96
C ARG A 18 -16.18 18.16 -4.35
N ILE A 19 -15.15 18.59 -3.63
CA ILE A 19 -14.35 17.66 -2.83
C ILE A 19 -15.05 17.55 -1.48
N VAL A 20 -15.80 16.47 -1.30
CA VAL A 20 -16.66 16.29 -0.14
C VAL A 20 -15.83 16.09 1.13
N ASN A 21 -14.77 15.31 1.02
CA ASN A 21 -13.79 15.14 2.09
C ASN A 21 -12.42 14.79 1.53
N TYR A 22 -11.43 14.60 2.40
CA TYR A 22 -10.03 14.52 2.01
C TYR A 22 -9.33 13.34 2.66
N THR A 23 -8.35 12.79 1.94
CA THR A 23 -7.48 11.76 2.50
C THR A 23 -6.47 12.37 3.47
N PRO A 24 -6.05 11.61 4.49
CA PRO A 24 -4.98 12.08 5.40
C PRO A 24 -3.60 12.14 4.75
N ASP A 25 -3.42 11.45 3.63
CA ASP A 25 -2.10 11.19 3.06
C ASP A 25 -1.44 12.40 2.41
N MET A 26 -2.27 13.37 2.02
CA MET A 26 -1.81 14.54 1.31
C MET A 26 -2.49 15.76 1.94
N THR A 27 -1.91 16.94 1.74
CA THR A 27 -2.51 18.16 2.28
C THR A 27 -3.75 18.53 1.48
N HIS A 28 -4.62 19.36 2.06
CA HIS A 28 -5.77 19.90 1.34
C HIS A 28 -5.34 20.48 -0.01
N SER A 29 -4.28 21.30 0.02
CA SER A 29 -3.77 21.93 -1.19
C SER A 29 -3.31 20.91 -2.25
N GLU A 30 -2.57 19.88 -1.81
CA GLU A 30 -2.06 18.86 -2.73
C GLU A 30 -3.19 18.05 -3.37
N VAL A 31 -4.21 17.73 -2.59
CA VAL A 31 -5.40 17.03 -3.10
C VAL A 31 -6.13 17.91 -4.11
N GLU A 32 -6.39 19.16 -3.72
CA GLU A 32 -7.03 20.13 -4.62
C GLU A 32 -6.25 20.29 -5.92
N LYS A 33 -4.92 20.40 -5.81
CA LYS A 33 -4.03 20.50 -6.98
C LYS A 33 -4.13 19.28 -7.88
N ALA A 34 -4.18 18.09 -7.27
CA ALA A 34 -4.25 16.84 -8.02
C ALA A 34 -5.56 16.71 -8.81
N PHE A 35 -6.68 17.07 -8.18
CA PHE A 35 -7.97 16.98 -8.86
C PHE A 35 -8.11 18.02 -9.96
N LYS A 36 -7.62 19.24 -9.70
CA LYS A 36 -7.65 20.31 -10.70
C LYS A 36 -6.89 19.89 -11.97
N LYS A 37 -5.69 19.33 -11.78
CA LYS A 37 -4.87 18.85 -12.90
C LYS A 37 -5.53 17.68 -13.62
N ALA A 38 -6.19 16.81 -12.86
CA ALA A 38 -6.90 15.66 -13.41
C ALA A 38 -8.06 16.09 -14.31
N PHE A 39 -8.77 17.14 -13.92
CA PHE A 39 -9.83 17.70 -14.77
C PHE A 39 -9.24 18.39 -16.00
N LYS A 40 -8.09 19.05 -15.82
CA LYS A 40 -7.40 19.71 -16.92
C LYS A 40 -6.97 18.73 -18.02
N VAL A 41 -6.74 17.48 -17.65
CA VAL A 41 -6.47 16.44 -18.65
C VAL A 41 -7.58 16.44 -19.71
N TRP A 42 -8.82 16.54 -19.25
CA TRP A 42 -9.99 16.43 -20.13
C TRP A 42 -10.41 17.74 -20.77
N SER A 43 -10.30 18.86 -20.05
CA SER A 43 -10.60 20.17 -20.63
C SER A 43 -9.56 20.62 -21.67
N ASP A 44 -8.33 20.10 -21.59
CA ASP A 44 -7.28 20.39 -22.57
C ASP A 44 -7.55 19.78 -23.95
N VAL A 45 -8.50 18.84 -24.04
CA VAL A 45 -8.83 18.19 -25.32
C VAL A 45 -10.31 18.24 -25.72
N THR A 46 -11.12 18.95 -24.94
CA THR A 46 -12.55 19.13 -25.24
C THR A 46 -12.97 20.57 -24.89
N PRO A 47 -14.21 20.94 -25.23
CA PRO A 47 -14.71 22.24 -24.77
C PRO A 47 -15.22 22.25 -23.32
N LEU A 48 -15.00 21.18 -22.57
CA LEU A 48 -15.47 21.09 -21.20
C LEU A 48 -14.70 22.03 -20.29
N ASN A 49 -15.38 22.58 -19.28
CA ASN A 49 -14.74 23.33 -18.22
C ASN A 49 -15.32 22.94 -16.88
N PHE A 50 -14.50 23.07 -15.85
CA PHE A 50 -14.84 22.59 -14.51
C PHE A 50 -14.61 23.66 -13.45
N THR A 51 -15.60 23.82 -12.57
CA THR A 51 -15.54 24.77 -11.47
C THR A 51 -15.72 24.02 -10.15
N ARG A 52 -14.97 24.42 -9.13
CA ARG A 52 -15.06 23.76 -7.83
C ARG A 52 -16.06 24.47 -6.93
N LEU A 53 -16.99 23.70 -6.37
CA LEU A 53 -17.89 24.19 -5.33
C LEU A 53 -17.37 23.71 -3.97
N HIS A 54 -17.48 24.56 -2.98
CA HIS A 54 -17.00 24.24 -1.63
C HIS A 54 -18.05 23.54 -0.77
N ASP A 55 -19.31 23.65 -1.15
CA ASP A 55 -20.42 23.00 -0.43
C ASP A 55 -21.55 22.62 -1.39
N GLY A 56 -22.49 21.83 -0.89
CA GLY A 56 -23.73 21.57 -1.62
C GLY A 56 -23.62 20.56 -2.75
N ILE A 57 -24.54 20.68 -3.71
CA ILE A 57 -24.71 19.69 -4.77
C ILE A 57 -23.97 20.11 -6.03
N ALA A 58 -22.98 19.33 -6.42
CA ALA A 58 -22.23 19.53 -7.67
C ALA A 58 -22.53 18.40 -8.63
N ASP A 59 -22.17 18.59 -9.90
CA ASP A 59 -22.36 17.55 -10.91
C ASP A 59 -21.53 16.31 -10.60
N ILE A 60 -20.30 16.53 -10.15
CA ILE A 60 -19.37 15.48 -9.85
C ILE A 60 -18.97 15.61 -8.38
N MET A 61 -19.50 14.72 -7.54
CA MET A 61 -19.18 14.71 -6.13
C MET A 61 -18.01 13.75 -5.90
N ILE A 62 -16.92 14.27 -5.35
CA ILE A 62 -15.71 13.48 -5.12
C ILE A 62 -15.57 13.18 -3.64
N SER A 63 -15.32 11.92 -3.29
CA SER A 63 -15.15 11.56 -1.89
C SER A 63 -14.19 10.38 -1.68
N PHE A 64 -13.64 10.32 -0.48
CA PHE A 64 -12.79 9.23 -0.04
C PHE A 64 -13.59 8.40 0.94
N GLY A 65 -13.49 7.08 0.80
CA GLY A 65 -14.19 6.15 1.70
C GLY A 65 -13.49 4.82 1.75
N ILE A 66 -13.93 3.96 2.67
CA ILE A 66 -13.37 2.62 2.81
C ILE A 66 -14.47 1.57 2.88
N LYS A 67 -14.13 0.35 2.49
CA LYS A 67 -15.04 -0.79 2.55
C LYS A 67 -16.41 -0.41 1.97
N GLU A 68 -17.52 -0.76 2.63
CA GLU A 68 -18.83 -0.29 2.19
C GLU A 68 -19.01 1.19 2.60
N HIS A 69 -19.23 2.05 1.59
CA HIS A 69 -19.20 3.50 1.78
C HIS A 69 -20.42 4.23 1.17
N GLY A 70 -21.47 3.49 0.86
CA GLY A 70 -22.76 4.10 0.51
C GLY A 70 -23.29 3.87 -0.90
N ASP A 71 -22.73 2.89 -1.62
CA ASP A 71 -23.25 2.54 -2.95
C ASP A 71 -23.31 1.04 -3.25
N PHE A 72 -23.05 0.21 -2.24
CA PHE A 72 -23.05 -1.25 -2.41
C PHE A 72 -22.00 -1.78 -3.40
N TYR A 73 -20.99 -0.96 -3.69
CA TYR A 73 -19.80 -1.39 -4.42
C TYR A 73 -18.62 -1.19 -3.48
N PRO A 74 -18.50 -2.05 -2.48
CA PRO A 74 -17.55 -1.78 -1.41
C PRO A 74 -16.09 -1.83 -1.88
N PHE A 75 -15.25 -1.01 -1.25
CA PHE A 75 -13.81 -1.13 -1.42
C PHE A 75 -13.26 -2.28 -0.56
N ASP A 76 -11.98 -2.56 -0.70
CA ASP A 76 -11.42 -3.84 -0.29
C ASP A 76 -10.14 -3.75 0.57
N GLY A 77 -9.93 -2.60 1.20
CA GLY A 77 -8.70 -2.37 1.97
C GLY A 77 -7.53 -2.05 1.05
N PRO A 78 -6.31 -2.00 1.62
CA PRO A 78 -5.12 -1.68 0.82
C PRO A 78 -4.96 -2.61 -0.37
N SER A 79 -4.49 -2.05 -1.48
CA SER A 79 -4.31 -2.76 -2.75
C SER A 79 -5.65 -3.07 -3.43
N GLY A 80 -5.60 -3.84 -4.52
CA GLY A 80 -6.81 -4.19 -5.26
C GLY A 80 -7.47 -2.96 -5.87
N LEU A 81 -8.76 -2.79 -5.59
CA LEU A 81 -9.53 -1.64 -6.08
C LEU A 81 -8.98 -0.32 -5.53
N LEU A 82 -8.77 0.66 -6.40
CA LEU A 82 -8.25 1.97 -5.99
C LEU A 82 -9.34 3.03 -5.91
N ALA A 83 -10.31 2.92 -6.80
CA ALA A 83 -11.34 3.93 -6.97
C ALA A 83 -12.36 3.47 -7.99
N HIS A 84 -13.50 4.15 -8.03
CA HIS A 84 -14.48 3.95 -9.10
C HIS A 84 -15.29 5.20 -9.30
N ALA A 85 -16.00 5.27 -10.42
CA ALA A 85 -16.75 6.47 -10.78
C ALA A 85 -17.92 6.12 -11.69
N PHE A 86 -18.93 6.98 -11.68
CA PHE A 86 -20.19 6.72 -12.38
C PHE A 86 -20.32 7.65 -13.58
N PRO A 87 -20.87 7.14 -14.69
CA PRO A 87 -21.02 7.93 -15.90
C PRO A 87 -22.04 9.06 -15.75
N PRO A 88 -22.08 9.99 -16.71
CA PRO A 88 -22.98 11.14 -16.63
C PRO A 88 -24.44 10.76 -16.32
N GLY A 89 -25.09 11.58 -15.52
CA GLY A 89 -26.48 11.39 -15.18
C GLY A 89 -26.89 12.06 -13.89
N PRO A 90 -28.18 11.90 -13.50
CA PRO A 90 -28.69 12.44 -12.24
C PRO A 90 -28.15 11.72 -11.00
N ASN A 91 -28.55 12.23 -9.84
CA ASN A 91 -28.07 11.80 -8.51
C ASN A 91 -26.58 11.41 -8.42
N TYR A 92 -26.28 10.13 -8.60
CA TYR A 92 -24.91 9.61 -8.45
C TYR A 92 -24.05 9.82 -9.70
N GLY A 93 -24.68 10.15 -10.82
CA GLY A 93 -23.96 10.30 -12.09
C GLY A 93 -22.80 11.28 -11.97
N GLY A 94 -21.63 10.88 -12.47
CA GLY A 94 -20.44 11.71 -12.43
C GLY A 94 -19.56 11.52 -11.21
N ASP A 95 -20.11 10.95 -10.14
CA ASP A 95 -19.40 10.88 -8.85
C ASP A 95 -18.18 9.95 -8.92
N ALA A 96 -17.17 10.28 -8.11
CA ALA A 96 -15.92 9.56 -8.08
C ALA A 96 -15.54 9.27 -6.65
N HIS A 97 -15.32 8.00 -6.34
CA HIS A 97 -14.97 7.56 -4.99
C HIS A 97 -13.57 6.97 -4.99
N PHE A 98 -12.76 7.37 -4.02
CA PHE A 98 -11.39 6.87 -3.89
C PHE A 98 -11.24 6.08 -2.59
N ASP A 99 -10.59 4.92 -2.68
CA ASP A 99 -10.39 4.05 -1.53
C ASP A 99 -9.34 4.65 -0.57
N ASP A 100 -9.76 5.07 0.61
CA ASP A 100 -8.82 5.69 1.56
C ASP A 100 -8.02 4.67 2.36
N ASP A 101 -8.08 3.39 1.99
CA ASP A 101 -7.13 2.41 2.50
C ASP A 101 -5.88 2.31 1.63
N GLU A 102 -5.83 3.07 0.53
CA GLU A 102 -4.59 3.18 -0.24
C GLU A 102 -3.74 4.32 0.31
N THR A 103 -2.45 4.29 0.01
CA THR A 103 -1.55 5.42 0.27
C THR A 103 -1.50 6.28 -0.99
N TRP A 104 -2.09 7.47 -0.90
CA TRP A 104 -2.17 8.40 -2.03
C TRP A 104 -0.98 9.35 -2.02
N THR A 105 -0.45 9.65 -3.21
CA THR A 105 0.75 10.46 -3.32
C THR A 105 0.70 11.50 -4.45
N SER A 106 1.68 12.40 -4.41
CA SER A 106 1.99 13.34 -5.50
C SER A 106 3.27 12.91 -6.24
N SER A 107 3.64 11.64 -6.10
CA SER A 107 4.93 11.16 -6.58
C SER A 107 4.78 9.86 -7.39
N SER A 108 5.93 9.25 -7.71
CA SER A 108 5.97 7.93 -8.32
C SER A 108 5.77 6.79 -7.31
N LYS A 109 5.71 7.15 -6.03
CA LYS A 109 5.54 6.18 -4.96
C LYS A 109 4.05 5.97 -4.71
N GLY A 110 3.70 4.86 -4.09
CA GLY A 110 2.30 4.55 -3.80
C GLY A 110 1.43 4.68 -5.04
N TYR A 111 0.24 5.24 -4.85
CA TYR A 111 -0.68 5.48 -5.96
C TYR A 111 -0.88 6.98 -6.16
N ASN A 112 -0.55 7.45 -7.35
CA ASN A 112 -0.64 8.86 -7.69
C ASN A 112 -2.10 9.29 -7.82
N LEU A 113 -2.55 10.17 -6.91
CA LEU A 113 -3.93 10.61 -6.89
C LEU A 113 -4.32 11.30 -8.19
N PHE A 114 -3.47 12.19 -8.68
CA PHE A 114 -3.72 12.88 -9.95
C PHE A 114 -4.03 11.88 -11.06
N LEU A 115 -3.20 10.86 -11.23
CA LEU A 115 -3.35 9.94 -12.36
C LEU A 115 -4.59 9.09 -12.22
N VAL A 116 -4.81 8.56 -11.02
CA VAL A 116 -6.01 7.75 -10.76
C VAL A 116 -7.26 8.61 -10.95
N ALA A 117 -7.25 9.83 -10.44
CA ALA A 117 -8.37 10.76 -10.62
C ALA A 117 -8.64 11.08 -12.09
N ALA A 118 -7.57 11.28 -12.87
CA ALA A 118 -7.70 11.52 -14.31
C ALA A 118 -8.45 10.38 -14.99
N HIS A 119 -8.05 9.14 -14.65
CA HIS A 119 -8.72 7.94 -15.14
C HIS A 119 -10.19 7.93 -14.71
N GLU A 120 -10.44 8.14 -13.42
CA GLU A 120 -11.81 8.12 -12.91
C GLU A 120 -12.70 9.19 -13.53
N PHE A 121 -12.17 10.40 -13.75
CA PHE A 121 -12.97 11.46 -14.35
C PHE A 121 -13.28 11.15 -15.83
N GLY A 122 -12.48 10.30 -16.44
CA GLY A 122 -12.84 9.73 -17.73
C GLY A 122 -14.18 9.03 -17.65
N HIS A 123 -14.35 8.23 -16.61
CA HIS A 123 -15.62 7.56 -16.33
C HIS A 123 -16.72 8.58 -16.07
N SER A 124 -16.43 9.57 -15.22
CA SER A 124 -17.38 10.64 -14.90
C SER A 124 -17.91 11.37 -16.13
N LEU A 125 -17.12 11.38 -17.20
CA LEU A 125 -17.48 12.07 -18.43
C LEU A 125 -18.08 11.13 -19.48
N GLY A 126 -18.06 9.82 -19.23
CA GLY A 126 -18.73 8.86 -20.11
C GLY A 126 -17.86 7.83 -20.81
N LEU A 127 -16.58 7.72 -20.44
CA LEU A 127 -15.70 6.70 -21.01
C LEU A 127 -15.65 5.45 -20.14
N ASP A 128 -15.83 4.29 -20.76
CA ASP A 128 -15.64 3.02 -20.07
C ASP A 128 -14.19 2.61 -20.30
N HIS A 129 -13.82 1.40 -19.88
CA HIS A 129 -12.43 0.97 -19.98
C HIS A 129 -11.99 0.68 -21.42
N SER A 130 -10.76 1.10 -21.72
CA SER A 130 -10.14 0.83 -23.02
C SER A 130 -9.48 -0.53 -22.98
N LYS A 131 -9.38 -1.16 -24.15
CA LYS A 131 -8.62 -2.40 -24.30
C LYS A 131 -7.19 -2.12 -24.77
N ASP A 132 -6.89 -0.85 -25.04
CA ASP A 132 -5.55 -0.42 -25.43
C ASP A 132 -4.70 -0.33 -24.15
N PRO A 133 -3.64 -1.16 -24.04
CA PRO A 133 -2.81 -1.14 -22.83
C PRO A 133 -2.09 0.18 -22.57
N GLY A 134 -1.93 1.02 -23.61
CA GLY A 134 -1.30 2.33 -23.46
C GLY A 134 -2.25 3.45 -23.09
N ALA A 135 -3.56 3.17 -23.02
CA ALA A 135 -4.57 4.19 -22.74
C ALA A 135 -4.68 4.52 -21.26
N LEU A 136 -5.00 5.78 -20.96
CA LEU A 136 -5.30 6.20 -19.59
C LEU A 136 -6.49 5.39 -19.03
N MET A 137 -7.45 5.06 -19.90
CA MET A 137 -8.63 4.30 -19.48
C MET A 137 -8.40 2.78 -19.44
N PHE A 138 -7.18 2.33 -19.65
CA PHE A 138 -6.85 0.92 -19.43
C PHE A 138 -6.88 0.63 -17.92
N PRO A 139 -7.55 -0.46 -17.51
CA PRO A 139 -7.80 -0.68 -16.08
C PRO A 139 -6.64 -1.30 -15.28
N ILE A 140 -5.40 -1.00 -15.65
CA ILE A 140 -4.22 -1.45 -14.89
C ILE A 140 -3.31 -0.25 -14.61
N TYR A 141 -2.92 -0.09 -13.35
CA TYR A 141 -2.08 1.02 -12.93
C TYR A 141 -0.60 0.74 -13.24
N THR A 142 0.00 1.59 -14.08
CA THR A 142 1.42 1.47 -14.43
C THR A 142 2.14 2.83 -14.47
N TYR A 143 1.62 3.82 -13.75
CA TYR A 143 2.19 5.16 -13.72
C TYR A 143 3.63 5.16 -13.21
N THR A 144 4.50 5.90 -13.89
CA THR A 144 5.92 5.99 -13.54
C THR A 144 6.26 7.42 -13.14
N GLY A 145 7.50 7.64 -12.72
CA GLY A 145 7.97 8.96 -12.29
C GLY A 145 7.95 10.03 -13.37
N LYS A 146 9.07 10.17 -14.07
CA LYS A 146 9.22 11.19 -15.11
C LYS A 146 8.44 10.79 -16.37
N SER A 147 8.13 11.74 -17.25
CA SER A 147 8.40 13.17 -17.08
C SER A 147 7.06 13.93 -17.06
N HIS A 148 6.68 14.53 -18.19
CA HIS A 148 5.40 15.24 -18.31
C HIS A 148 4.26 14.24 -18.57
N PHE A 149 3.04 14.75 -18.72
CA PHE A 149 1.88 13.90 -19.02
C PHE A 149 1.27 14.24 -20.37
N MET A 150 0.97 13.20 -21.15
CA MET A 150 0.21 13.34 -22.40
C MET A 150 -0.94 12.35 -22.37
N LEU A 151 -2.14 12.83 -22.69
CA LEU A 151 -3.30 11.94 -22.83
C LEU A 151 -3.10 11.07 -24.08
N PRO A 152 -3.03 9.73 -23.89
CA PRO A 152 -2.85 8.86 -25.06
C PRO A 152 -3.94 9.03 -26.11
N ASP A 153 -3.60 8.76 -27.37
N ASP A 153 -3.62 8.75 -27.37
CA ASP A 153 -4.51 8.97 -28.51
CA ASP A 153 -4.53 9.02 -28.48
C ASP A 153 -5.86 8.29 -28.36
C ASP A 153 -5.86 8.28 -28.38
N ASP A 154 -5.86 7.08 -27.81
CA ASP A 154 -7.10 6.31 -27.64
C ASP A 154 -8.13 7.06 -26.79
N ASP A 155 -7.63 7.70 -25.73
CA ASP A 155 -8.48 8.45 -24.82
C ASP A 155 -8.93 9.78 -25.45
N VAL A 156 -8.02 10.40 -26.19
CA VAL A 156 -8.34 11.63 -26.92
C VAL A 156 -9.48 11.37 -27.92
N GLN A 157 -9.36 10.32 -28.70
CA GLN A 157 -10.38 9.97 -29.68
C GLN A 157 -11.70 9.60 -29.00
N GLY A 158 -11.61 8.87 -27.90
CA GLY A 158 -12.80 8.49 -27.12
C GLY A 158 -13.57 9.70 -26.60
N ILE A 159 -12.89 10.57 -25.86
CA ILE A 159 -13.53 11.73 -25.25
C ILE A 159 -14.03 12.74 -26.30
N GLN A 160 -13.28 12.88 -27.39
CA GLN A 160 -13.67 13.79 -28.47
C GLN A 160 -14.84 13.25 -29.30
N SER A 161 -15.05 11.93 -29.31
CA SER A 161 -16.23 11.35 -29.96
C SER A 161 -17.51 11.70 -29.21
N LEU A 162 -17.38 12.00 -27.91
CA LEU A 162 -18.50 12.43 -27.09
C LEU A 162 -18.70 13.93 -27.15
N TYR A 163 -17.63 14.70 -26.91
CA TYR A 163 -17.73 16.15 -26.74
C TYR A 163 -17.15 17.02 -27.84
N GLY A 164 -16.55 16.40 -28.86
CA GLY A 164 -15.92 17.15 -29.96
C GLY A 164 -14.68 17.92 -29.53
N ALA B 1 -14.80 -18.09 -31.98
CA ALA B 1 -13.73 -18.70 -31.16
C ALA B 1 -12.55 -17.75 -30.97
N ASN B 2 -11.79 -17.98 -29.89
CA ASN B 2 -10.58 -17.21 -29.61
C ASN B 2 -9.40 -18.14 -29.33
N VAL B 3 -8.22 -17.73 -29.78
CA VAL B 3 -6.98 -18.41 -29.40
C VAL B 3 -6.28 -17.55 -28.36
N PHE B 4 -5.32 -18.13 -27.66
CA PHE B 4 -4.55 -17.37 -26.68
C PHE B 4 -3.78 -16.25 -27.38
N PRO B 5 -3.56 -15.14 -26.67
CA PRO B 5 -2.98 -13.97 -27.33
C PRO B 5 -1.45 -14.07 -27.40
N ARG B 6 -0.85 -13.26 -28.27
CA ARG B 6 0.60 -13.01 -28.25
C ARG B 6 1.36 -14.28 -28.69
N THR B 7 2.70 -14.34 -28.63
CA THR B 7 3.59 -13.36 -27.99
C THR B 7 4.26 -12.40 -28.99
N LEU B 8 5.19 -12.90 -29.80
CA LEU B 8 5.95 -12.08 -30.77
C LEU B 8 6.93 -11.09 -30.08
N LYS B 9 6.66 -9.79 -30.09
CA LYS B 9 7.66 -8.76 -29.72
C LYS B 9 7.06 -7.50 -29.09
N TRP B 10 7.90 -6.71 -28.44
CA TRP B 10 7.48 -5.42 -27.87
C TRP B 10 6.97 -4.47 -28.96
N SER B 11 5.78 -3.90 -28.74
CA SER B 11 5.15 -3.01 -29.72
C SER B 11 5.66 -1.57 -29.62
N LYS B 12 6.44 -1.28 -28.59
CA LYS B 12 7.01 0.04 -28.39
C LYS B 12 8.53 -0.07 -28.37
N MET B 13 9.21 0.98 -28.84
CA MET B 13 10.68 1.00 -28.89
C MET B 13 11.29 1.53 -27.61
N ASN B 14 10.52 2.27 -26.81
CA ASN B 14 11.02 2.82 -25.57
C ASN B 14 10.53 1.98 -24.40
N LEU B 15 11.43 1.18 -23.85
CA LEU B 15 11.09 0.22 -22.81
C LEU B 15 11.69 0.63 -21.48
N THR B 16 11.09 0.17 -20.39
CA THR B 16 11.57 0.47 -19.06
C THR B 16 11.97 -0.80 -18.33
N TYR B 17 12.94 -0.68 -17.44
CA TYR B 17 13.29 -1.78 -16.56
C TYR B 17 13.42 -1.29 -15.14
N ARG B 18 13.25 -2.23 -14.20
CA ARG B 18 13.36 -1.92 -12.78
C ARG B 18 14.16 -3.02 -12.11
N ILE B 19 15.19 -2.62 -11.34
CA ILE B 19 15.94 -3.55 -10.51
C ILE B 19 15.20 -3.64 -9.17
N VAL B 20 14.42 -4.70 -9.01
CA VAL B 20 13.51 -4.83 -7.86
C VAL B 20 14.32 -5.01 -6.59
N ASN B 21 15.33 -5.86 -6.64
CA ASN B 21 16.26 -6.05 -5.54
C ASN B 21 17.66 -6.42 -6.06
N TYR B 22 18.61 -6.55 -5.15
CA TYR B 22 20.03 -6.69 -5.50
C TYR B 22 20.70 -7.91 -4.84
N THR B 23 21.66 -8.50 -5.55
CA THR B 23 22.49 -9.56 -4.97
C THR B 23 23.46 -8.97 -3.94
N PRO B 24 23.80 -9.73 -2.89
CA PRO B 24 24.86 -9.32 -1.98
C PRO B 24 26.26 -9.27 -2.61
N ASP B 25 26.46 -9.98 -3.70
CA ASP B 25 27.80 -10.31 -4.19
C ASP B 25 28.53 -9.15 -4.85
N MET B 26 27.77 -8.14 -5.27
CA MET B 26 28.32 -6.99 -5.98
C MET B 26 27.67 -5.74 -5.43
N THR B 27 28.31 -4.58 -5.63
CA THR B 27 27.76 -3.32 -5.14
C THR B 27 26.55 -2.94 -5.98
N HIS B 28 25.69 -2.07 -5.45
CA HIS B 28 24.57 -1.55 -6.23
C HIS B 28 25.08 -1.03 -7.56
N SER B 29 26.17 -0.25 -7.49
CA SER B 29 26.76 0.36 -8.67
C SER B 29 27.25 -0.67 -9.70
N GLU B 30 27.87 -1.75 -9.23
CA GLU B 30 28.34 -2.82 -10.13
C GLU B 30 27.17 -3.54 -10.82
N VAL B 31 26.12 -3.82 -10.06
CA VAL B 31 24.94 -4.48 -10.60
C VAL B 31 24.28 -3.61 -11.66
N GLU B 32 24.05 -2.33 -11.31
CA GLU B 32 23.44 -1.37 -12.23
C GLU B 32 24.24 -1.24 -13.54
N LYS B 33 25.55 -1.23 -13.43
CA LYS B 33 26.44 -1.06 -14.58
C LYS B 33 26.43 -2.30 -15.47
N ALA B 34 26.38 -3.48 -14.84
CA ALA B 34 26.28 -4.74 -15.58
C ALA B 34 24.97 -4.84 -16.38
N PHE B 35 23.87 -4.46 -15.74
CA PHE B 35 22.56 -4.49 -16.41
C PHE B 35 22.48 -3.44 -17.51
N LYS B 36 23.01 -2.24 -17.26
CA LYS B 36 23.03 -1.16 -18.26
C LYS B 36 23.82 -1.57 -19.51
N LYS B 37 24.98 -2.19 -19.29
CA LYS B 37 25.81 -2.70 -20.38
C LYS B 37 25.11 -3.83 -21.13
N ALA B 38 24.40 -4.69 -20.38
CA ALA B 38 23.65 -5.79 -20.97
C ALA B 38 22.54 -5.31 -21.91
N PHE B 39 21.82 -4.26 -21.51
CA PHE B 39 20.77 -3.71 -22.38
C PHE B 39 21.39 -3.05 -23.60
N LYS B 40 22.53 -2.39 -23.41
CA LYS B 40 23.25 -1.73 -24.49
C LYS B 40 23.66 -2.70 -25.61
N VAL B 41 23.97 -3.94 -25.24
CA VAL B 41 24.22 -4.99 -26.23
C VAL B 41 23.14 -4.97 -27.31
N TRP B 42 21.89 -4.89 -26.85
CA TRP B 42 20.73 -4.99 -27.72
C TRP B 42 20.34 -3.66 -28.36
N SER B 43 20.43 -2.57 -27.60
CA SER B 43 20.11 -1.24 -28.14
C SER B 43 21.13 -0.76 -29.18
N ASP B 44 22.35 -1.30 -29.14
CA ASP B 44 23.38 -0.98 -30.13
C ASP B 44 23.09 -1.56 -31.51
N VAL B 45 22.20 -2.56 -31.59
CA VAL B 45 21.88 -3.21 -32.87
C VAL B 45 20.41 -3.13 -33.30
N THR B 46 19.61 -2.41 -32.52
CA THR B 46 18.18 -2.22 -32.80
C THR B 46 17.80 -0.76 -32.48
N PRO B 47 16.57 -0.35 -32.84
CA PRO B 47 16.10 0.98 -32.41
C PRO B 47 15.51 0.99 -30.98
N LEU B 48 15.70 -0.10 -30.22
CA LEU B 48 15.20 -0.17 -28.85
C LEU B 48 15.98 0.78 -27.93
N ASN B 49 15.26 1.41 -27.02
CA ASN B 49 15.85 2.30 -26.01
C ASN B 49 15.41 1.81 -24.63
N PHE B 50 16.30 1.92 -23.64
CA PHE B 50 16.00 1.45 -22.27
C PHE B 50 16.22 2.52 -21.20
N THR B 51 15.25 2.62 -20.28
CA THR B 51 15.27 3.60 -19.19
C THR B 51 14.99 2.87 -17.89
N ARG B 52 15.73 3.20 -16.83
CA ARG B 52 15.58 2.53 -15.55
C ARG B 52 14.58 3.25 -14.66
N LEU B 53 13.65 2.49 -14.10
CA LEU B 53 12.70 2.99 -13.11
C LEU B 53 13.07 2.45 -11.75
N HIS B 54 12.89 3.26 -10.71
CA HIS B 54 13.26 2.89 -9.35
C HIS B 54 12.08 2.30 -8.57
N ASP B 55 10.86 2.72 -8.92
CA ASP B 55 9.66 2.22 -8.27
C ASP B 55 8.57 1.86 -9.28
N GLY B 56 7.69 0.96 -8.87
CA GLY B 56 6.47 0.67 -9.62
C GLY B 56 6.64 -0.34 -10.74
N ILE B 57 5.73 -0.26 -11.72
CA ILE B 57 5.68 -1.23 -12.81
C ILE B 57 6.54 -0.76 -13.97
N ALA B 58 7.49 -1.61 -14.36
CA ALA B 58 8.29 -1.42 -15.57
C ALA B 58 8.02 -2.59 -16.51
N ASP B 59 8.37 -2.45 -17.79
CA ASP B 59 8.18 -3.52 -18.77
C ASP B 59 8.96 -4.76 -18.37
N ILE B 60 10.20 -4.53 -17.96
CA ILE B 60 11.14 -5.61 -17.61
C ILE B 60 11.47 -5.48 -16.13
N MET B 61 10.96 -6.41 -15.33
CA MET B 61 11.19 -6.40 -13.89
C MET B 61 12.31 -7.39 -13.57
N ILE B 62 13.38 -6.88 -12.96
CA ILE B 62 14.57 -7.66 -12.69
C ILE B 62 14.63 -7.95 -11.20
N SER B 63 14.79 -9.23 -10.85
CA SER B 63 14.93 -9.63 -9.46
C SER B 63 15.89 -10.80 -9.26
N PHE B 64 16.45 -10.85 -8.06
CA PHE B 64 17.23 -11.99 -7.58
C PHE B 64 16.38 -12.79 -6.60
N GLY B 65 16.44 -14.11 -6.69
CA GLY B 65 15.72 -14.99 -5.77
C GLY B 65 16.40 -16.34 -5.68
N ILE B 66 15.98 -17.14 -4.72
CA ILE B 66 16.50 -18.50 -4.57
C ILE B 66 15.38 -19.50 -4.52
N LYS B 67 15.68 -20.73 -4.96
CA LYS B 67 14.77 -21.85 -4.87
C LYS B 67 13.42 -21.47 -5.49
N GLU B 68 12.29 -21.83 -4.85
CA GLU B 68 10.98 -21.39 -5.34
C GLU B 68 10.80 -19.93 -4.94
N HIS B 69 10.63 -19.06 -5.94
CA HIS B 69 10.66 -17.62 -5.75
C HIS B 69 9.49 -16.87 -6.38
N GLY B 70 8.41 -17.59 -6.71
CA GLY B 70 7.15 -16.95 -7.08
C GLY B 70 6.64 -17.19 -8.49
N ASP B 71 7.23 -18.14 -9.21
CA ASP B 71 6.73 -18.50 -10.55
C ASP B 71 6.65 -20.01 -10.83
N PHE B 72 6.89 -20.84 -9.81
CA PHE B 72 6.86 -22.30 -9.95
C PHE B 72 7.92 -22.84 -10.95
N TYR B 73 8.92 -22.03 -11.25
CA TYR B 73 10.12 -22.49 -11.96
C TYR B 73 11.29 -22.29 -11.00
N PRO B 74 11.42 -23.18 -10.01
CA PRO B 74 12.39 -22.94 -8.96
C PRO B 74 13.85 -23.01 -9.40
N PHE B 75 14.69 -22.21 -8.74
CA PHE B 75 16.13 -22.35 -8.85
C PHE B 75 16.62 -23.51 -7.98
N ASP B 76 17.92 -23.80 -8.06
CA ASP B 76 18.45 -25.09 -7.63
C ASP B 76 19.72 -25.02 -6.79
N GLY B 77 19.95 -23.89 -6.12
CA GLY B 77 21.18 -23.70 -5.35
C GLY B 77 22.37 -23.38 -6.25
N PRO B 78 23.60 -23.45 -5.71
CA PRO B 78 24.81 -23.16 -6.47
C PRO B 78 24.94 -23.99 -7.74
N SER B 79 25.43 -23.36 -8.81
CA SER B 79 25.60 -24.00 -10.13
C SER B 79 24.26 -24.38 -10.77
N GLY B 80 24.30 -25.10 -11.88
CA GLY B 80 23.07 -25.51 -12.56
C GLY B 80 22.36 -24.32 -13.19
N LEU B 81 21.09 -24.14 -12.86
CA LEU B 81 20.31 -23.03 -13.39
C LEU B 81 20.86 -21.72 -12.83
N LEU B 82 21.17 -20.77 -13.71
CA LEU B 82 21.73 -19.47 -13.31
C LEU B 82 20.66 -18.37 -13.31
N ALA B 83 19.76 -18.43 -14.28
CA ALA B 83 18.76 -17.39 -14.48
C ALA B 83 17.73 -17.83 -15.52
N HIS B 84 16.61 -17.12 -15.55
CA HIS B 84 15.66 -17.28 -16.65
C HIS B 84 14.87 -16.01 -16.84
N ALA B 85 14.26 -15.88 -18.00
CA ALA B 85 13.54 -14.67 -18.36
C ALA B 85 12.39 -15.01 -19.29
N PHE B 86 11.40 -14.13 -19.30
CA PHE B 86 10.16 -14.37 -20.03
C PHE B 86 10.03 -13.47 -21.25
N PRO B 87 9.45 -14.01 -22.34
CA PRO B 87 9.26 -13.23 -23.57
C PRO B 87 8.33 -12.04 -23.36
N PRO B 88 8.37 -11.05 -24.28
CA PRO B 88 7.53 -9.88 -24.20
C PRO B 88 6.05 -10.19 -23.97
N GLY B 89 5.37 -9.30 -23.26
CA GLY B 89 3.95 -9.43 -22.98
C GLY B 89 3.59 -8.76 -21.67
N PRO B 90 2.30 -8.84 -21.28
CA PRO B 90 1.87 -8.34 -19.99
C PRO B 90 2.23 -9.30 -18.86
N ASN B 91 1.80 -8.99 -17.64
CA ASN B 91 2.09 -9.82 -16.46
C ASN B 91 3.61 -10.02 -16.27
N TYR B 92 4.08 -11.28 -16.30
CA TYR B 92 5.50 -11.58 -16.12
C TYR B 92 6.32 -11.35 -17.39
N GLY B 93 5.66 -11.02 -18.51
CA GLY B 93 6.37 -10.79 -19.77
C GLY B 93 7.54 -9.82 -19.62
N GLY B 94 8.69 -10.22 -20.13
CA GLY B 94 9.89 -9.39 -20.07
C GLY B 94 10.78 -9.55 -18.83
N ASP B 95 10.23 -10.11 -17.76
CA ASP B 95 10.95 -10.19 -16.49
C ASP B 95 12.14 -11.13 -16.54
N ALA B 96 13.16 -10.82 -15.73
CA ALA B 96 14.37 -11.62 -15.63
C ALA B 96 14.65 -11.93 -14.18
N HIS B 97 14.90 -13.20 -13.88
CA HIS B 97 15.17 -13.64 -12.52
C HIS B 97 16.56 -14.24 -12.47
N PHE B 98 17.35 -13.83 -11.46
CA PHE B 98 18.70 -14.33 -11.28
C PHE B 98 18.80 -15.13 -9.98
N ASP B 99 19.43 -16.30 -10.04
CA ASP B 99 19.60 -17.17 -8.89
C ASP B 99 20.65 -16.61 -7.92
N ASP B 100 20.20 -16.17 -6.74
CA ASP B 100 21.12 -15.57 -5.78
C ASP B 100 21.87 -16.59 -4.91
N ASP B 101 21.81 -17.87 -5.31
CA ASP B 101 22.72 -18.87 -4.76
C ASP B 101 23.97 -19.05 -5.63
N GLU B 102 24.06 -18.30 -6.73
CA GLU B 102 25.29 -18.26 -7.51
C GLU B 102 26.23 -17.20 -6.96
N THR B 103 27.51 -17.33 -7.28
CA THR B 103 28.49 -16.30 -7.00
C THR B 103 28.51 -15.37 -8.21
N TRP B 104 27.94 -14.18 -8.07
CA TRP B 104 27.90 -13.19 -9.14
C TRP B 104 29.12 -12.28 -9.10
N THR B 105 29.74 -12.08 -10.27
CA THR B 105 30.98 -11.30 -10.35
C THR B 105 31.03 -10.45 -11.63
N SER B 106 32.08 -9.65 -11.72
CA SER B 106 32.42 -8.94 -12.96
C SER B 106 33.73 -9.49 -13.52
N SER B 107 33.98 -10.78 -13.28
CA SER B 107 35.25 -11.40 -13.69
C SER B 107 35.01 -12.85 -14.11
N SER B 108 36.09 -13.62 -14.25
CA SER B 108 35.99 -15.04 -14.58
C SER B 108 35.55 -15.89 -13.39
N LYS B 109 35.71 -15.37 -12.17
CA LYS B 109 35.23 -16.06 -10.97
C LYS B 109 33.73 -16.24 -11.02
N GLY B 110 33.25 -17.39 -10.54
CA GLY B 110 31.82 -17.65 -10.49
C GLY B 110 31.15 -17.40 -11.82
N TYR B 111 30.06 -16.64 -11.80
CA TYR B 111 29.33 -16.32 -13.02
C TYR B 111 29.25 -14.82 -13.23
N ASN B 112 29.64 -14.38 -14.42
CA ASN B 112 29.65 -12.97 -14.78
C ASN B 112 28.22 -12.45 -14.99
N LEU B 113 27.79 -11.53 -14.13
CA LEU B 113 26.41 -11.03 -14.17
C LEU B 113 26.09 -10.38 -15.52
N PHE B 114 27.02 -9.59 -16.03
CA PHE B 114 26.81 -8.93 -17.33
C PHE B 114 26.51 -9.93 -18.44
N LEU B 115 27.32 -10.98 -18.55
CA LEU B 115 27.17 -11.95 -19.63
C LEU B 115 25.85 -12.71 -19.52
N VAL B 116 25.53 -13.15 -18.30
CA VAL B 116 24.27 -13.85 -18.08
C VAL B 116 23.09 -12.91 -18.34
N ALA B 117 23.17 -11.66 -17.86
CA ALA B 117 22.10 -10.69 -18.07
C ALA B 117 21.86 -10.38 -19.55
N ALA B 118 22.94 -10.22 -20.31
CA ALA B 118 22.84 -9.94 -21.75
C ALA B 118 22.05 -11.03 -22.44
N HIS B 119 22.40 -12.28 -22.11
CA HIS B 119 21.68 -13.46 -22.58
C HIS B 119 20.20 -13.40 -22.16
N GLU B 120 19.96 -13.16 -20.88
CA GLU B 120 18.58 -13.15 -20.35
C GLU B 120 17.73 -12.07 -21.00
N PHE B 121 18.30 -10.88 -21.17
CA PHE B 121 17.56 -9.78 -21.81
C PHE B 121 17.25 -10.09 -23.28
N GLY B 122 18.07 -10.91 -23.91
CA GLY B 122 17.71 -11.48 -25.20
C GLY B 122 16.36 -12.18 -25.12
N HIS B 123 16.16 -13.02 -24.10
CA HIS B 123 14.87 -13.64 -23.86
C HIS B 123 13.79 -12.59 -23.62
N SER B 124 14.10 -11.59 -22.79
CA SER B 124 13.15 -10.50 -22.51
C SER B 124 12.61 -9.78 -23.75
N LEU B 125 13.41 -9.76 -24.82
CA LEU B 125 13.05 -9.07 -26.05
C LEU B 125 12.41 -9.98 -27.11
N GLY B 126 12.37 -11.29 -26.87
CA GLY B 126 11.69 -12.24 -27.74
C GLY B 126 12.56 -13.30 -28.40
N LEU B 127 13.83 -13.41 -28.01
CA LEU B 127 14.72 -14.46 -28.55
C LEU B 127 14.74 -15.69 -27.66
N ASP B 128 14.54 -16.86 -28.27
CA ASP B 128 14.72 -18.14 -27.59
C ASP B 128 16.18 -18.56 -27.81
N HIS B 129 16.53 -19.77 -27.41
CA HIS B 129 17.91 -20.22 -27.48
C HIS B 129 18.38 -20.50 -28.91
N SER B 130 19.65 -20.21 -29.14
CA SER B 130 20.30 -20.50 -30.42
C SER B 130 20.94 -21.88 -30.37
N LYS B 131 21.06 -22.51 -31.54
CA LYS B 131 21.76 -23.77 -31.68
C LYS B 131 23.21 -23.55 -32.11
N ASP B 132 23.57 -22.28 -32.33
CA ASP B 132 24.93 -21.89 -32.69
C ASP B 132 25.75 -21.73 -31.41
N PRO B 133 26.83 -22.53 -31.25
CA PRO B 133 27.62 -22.51 -30.02
C PRO B 133 28.32 -21.17 -29.72
N GLY B 134 28.54 -20.36 -30.75
CA GLY B 134 29.18 -19.04 -30.57
C GLY B 134 28.21 -17.91 -30.26
N ALA B 135 26.92 -18.20 -30.21
CA ALA B 135 25.90 -17.18 -29.97
C ALA B 135 25.75 -16.85 -28.48
N LEU B 136 25.47 -15.58 -28.19
CA LEU B 136 25.10 -15.16 -26.84
C LEU B 136 23.88 -15.94 -26.34
N MET B 137 22.94 -16.24 -27.25
CA MET B 137 21.73 -16.97 -26.89
C MET B 137 21.91 -18.49 -26.84
N PHE B 138 23.16 -18.97 -26.90
CA PHE B 138 23.45 -20.38 -26.67
C PHE B 138 23.31 -20.67 -25.17
N PRO B 139 22.63 -21.78 -24.80
CA PRO B 139 22.29 -22.02 -23.40
C PRO B 139 23.37 -22.69 -22.52
N ILE B 140 24.64 -22.49 -22.84
CA ILE B 140 25.74 -23.02 -22.02
C ILE B 140 26.70 -21.89 -21.66
N TYR B 141 27.01 -21.76 -20.37
CA TYR B 141 27.88 -20.67 -19.91
C TYR B 141 29.37 -20.97 -20.12
N THR B 142 30.03 -20.09 -20.86
CA THR B 142 31.49 -20.08 -20.99
C THR B 142 31.91 -18.63 -20.87
N TYR B 143 33.04 -18.35 -20.21
CA TYR B 143 33.32 -16.97 -19.78
C TYR B 143 33.31 -15.94 -20.91
N THR B 144 34.20 -16.01 -21.91
CA THR B 144 35.27 -16.99 -22.01
C THR B 144 36.73 -16.49 -21.86
N GLY B 145 37.09 -15.24 -22.15
CA GLY B 145 36.21 -14.08 -22.40
C GLY B 145 35.54 -13.95 -23.77
N LYS B 146 36.30 -13.74 -24.84
CA LYS B 146 37.77 -13.74 -24.86
C LYS B 146 38.42 -12.36 -24.60
N SER B 147 37.71 -11.28 -24.91
CA SER B 147 38.23 -9.92 -24.73
C SER B 147 37.10 -8.95 -24.33
N HIS B 148 36.90 -7.88 -25.11
CA HIS B 148 35.72 -7.01 -24.95
C HIS B 148 34.58 -7.53 -25.82
N PHE B 149 33.39 -6.96 -25.65
CA PHE B 149 32.17 -7.56 -26.20
C PHE B 149 31.78 -7.09 -27.60
N MET B 150 31.42 -8.07 -28.45
CA MET B 150 30.77 -7.83 -29.73
C MET B 150 29.67 -8.89 -29.88
N LEU B 151 28.46 -8.46 -30.22
CA LEU B 151 27.34 -9.37 -30.38
C LEU B 151 27.55 -10.25 -31.62
N PRO B 152 27.53 -11.59 -31.45
CA PRO B 152 27.70 -12.50 -32.58
C PRO B 152 26.60 -12.37 -33.64
N ASP B 153 26.92 -12.75 -34.87
CA ASP B 153 26.01 -12.55 -36.01
C ASP B 153 24.67 -13.24 -35.86
N ASP B 154 24.67 -14.45 -35.30
CA ASP B 154 23.42 -15.19 -35.08
C ASP B 154 22.44 -14.36 -34.25
N ASP B 155 22.94 -13.74 -33.20
CA ASP B 155 22.11 -12.94 -32.30
C ASP B 155 21.71 -11.62 -32.95
N VAL B 156 22.63 -11.01 -33.68
CA VAL B 156 22.34 -9.80 -34.46
C VAL B 156 21.22 -10.06 -35.46
N GLN B 157 21.32 -11.16 -36.19
CA GLN B 157 20.30 -11.56 -37.16
C GLN B 157 18.95 -11.81 -36.47
N GLY B 158 19.00 -12.54 -35.36
CA GLY B 158 17.78 -12.88 -34.61
C GLY B 158 17.05 -11.65 -34.11
N ILE B 159 17.75 -10.79 -33.38
CA ILE B 159 17.12 -9.62 -32.77
C ILE B 159 16.63 -8.63 -33.83
N GLN B 160 17.38 -8.48 -34.92
CA GLN B 160 17.01 -7.55 -36.00
C GLN B 160 15.83 -8.05 -36.84
N SER B 161 15.60 -9.36 -36.85
CA SER B 161 14.40 -9.91 -37.50
C SER B 161 13.13 -9.49 -36.76
N LEU B 162 13.26 -9.19 -35.47
CA LEU B 162 12.14 -8.71 -34.66
C LEU B 162 11.97 -7.19 -34.73
N TYR B 163 13.06 -6.46 -34.50
CA TYR B 163 12.98 -5.00 -34.30
C TYR B 163 13.53 -4.14 -35.45
N GLY B 164 14.26 -4.75 -36.37
CA GLY B 164 14.78 -4.04 -37.55
C GLY B 164 16.15 -3.42 -37.33
N ALA C 1 -17.39 -22.33 25.82
CA ALA C 1 -17.68 -21.85 27.20
C ALA C 1 -17.63 -20.32 27.24
N ASN C 2 -18.40 -19.69 26.36
CA ASN C 2 -18.49 -18.23 26.31
C ASN C 2 -19.86 -17.76 25.86
N VAL C 3 -20.47 -16.89 26.66
CA VAL C 3 -21.75 -16.28 26.31
C VAL C 3 -21.48 -14.83 25.90
N PHE C 4 -22.39 -14.25 25.14
CA PHE C 4 -22.22 -12.87 24.70
C PHE C 4 -22.26 -11.93 25.92
N PRO C 5 -21.40 -10.90 25.93
CA PRO C 5 -21.30 -10.04 27.11
C PRO C 5 -22.60 -9.31 27.43
N ARG C 6 -22.80 -9.03 28.71
CA ARG C 6 -24.06 -8.47 29.22
C ARG C 6 -24.25 -7.05 28.69
N THR C 7 -23.62 -6.07 29.35
CA THR C 7 -23.72 -4.69 28.91
C THR C 7 -22.67 -4.50 27.82
N LEU C 8 -22.98 -3.64 26.86
CA LEU C 8 -22.05 -3.35 25.78
C LEU C 8 -20.97 -2.40 26.29
N LYS C 9 -19.77 -2.94 26.44
CA LYS C 9 -18.62 -2.15 26.90
C LYS C 9 -17.34 -2.85 26.44
N TRP C 10 -16.27 -2.08 26.32
CA TRP C 10 -14.98 -2.63 25.91
C TRP C 10 -14.35 -3.40 27.07
N SER C 11 -13.86 -4.61 26.78
N SER C 11 -13.86 -4.61 26.80
CA SER C 11 -13.22 -5.45 27.79
CA SER C 11 -13.22 -5.44 27.83
C SER C 11 -11.75 -5.11 28.01
C SER C 11 -11.74 -5.12 28.01
N LYS C 12 -11.18 -4.36 27.07
CA LYS C 12 -9.78 -3.92 27.18
C LYS C 12 -9.75 -2.41 27.40
N MET C 13 -8.75 -1.95 28.13
CA MET C 13 -8.65 -0.53 28.48
C MET C 13 -7.84 0.28 27.47
N ASN C 14 -6.97 -0.39 26.70
CA ASN C 14 -6.14 0.28 25.69
C ASN C 14 -6.77 0.15 24.31
N LEU C 15 -7.47 1.21 23.88
CA LEU C 15 -8.23 1.20 22.64
C LEU C 15 -7.51 2.02 21.57
N THR C 16 -7.82 1.74 20.31
CA THR C 16 -7.22 2.46 19.20
C THR C 16 -8.30 3.15 18.37
N TYR C 17 -7.93 4.25 17.74
CA TYR C 17 -8.81 4.91 16.79
C TYR C 17 -8.07 5.36 15.56
N ARG C 18 -8.82 5.55 14.48
CA ARG C 18 -8.26 5.99 13.21
C ARG C 18 -9.19 7.03 12.58
N ILE C 19 -8.61 8.16 12.18
CA ILE C 19 -9.33 9.18 11.40
C ILE C 19 -9.18 8.78 9.94
N VAL C 20 -10.20 8.13 9.41
CA VAL C 20 -10.15 7.54 8.06
C VAL C 20 -10.09 8.60 6.97
N ASN C 21 -10.88 9.66 7.11
CA ASN C 21 -10.85 10.80 6.19
C ASN C 21 -11.10 12.11 6.95
N TYR C 22 -11.07 13.24 6.24
CA TYR C 22 -11.05 14.56 6.87
C TYR C 22 -12.02 15.53 6.21
N THR C 23 -12.77 16.27 7.03
CA THR C 23 -13.66 17.32 6.54
C THR C 23 -12.86 18.49 5.95
N PRO C 24 -13.40 19.14 4.90
CA PRO C 24 -12.73 20.32 4.31
C PRO C 24 -12.68 21.55 5.23
N ASP C 25 -13.57 21.63 6.21
CA ASP C 25 -13.81 22.89 6.94
C ASP C 25 -12.74 23.25 7.97
N MET C 26 -11.91 22.26 8.32
CA MET C 26 -10.88 22.43 9.33
C MET C 26 -9.60 21.78 8.80
N THR C 27 -8.45 22.24 9.27
CA THR C 27 -7.16 21.64 8.87
C THR C 27 -7.01 20.24 9.47
N HIS C 28 -6.08 19.46 8.94
CA HIS C 28 -5.78 18.14 9.50
C HIS C 28 -5.51 18.27 10.99
N SER C 29 -4.67 19.25 11.34
CA SER C 29 -4.25 19.46 12.72
C SER C 29 -5.44 19.79 13.61
N GLU C 30 -6.29 20.71 13.17
CA GLU C 30 -7.50 21.08 13.95
C GLU C 30 -8.43 19.88 14.18
N VAL C 31 -8.63 19.07 13.15
CA VAL C 31 -9.49 17.88 13.25
C VAL C 31 -8.89 16.89 14.27
N GLU C 32 -7.61 16.61 14.12
CA GLU C 32 -6.88 15.73 15.04
C GLU C 32 -6.93 16.22 16.49
N LYS C 33 -6.78 17.53 16.68
CA LYS C 33 -6.77 18.12 18.02
C LYS C 33 -8.17 18.04 18.65
N ALA C 34 -9.20 18.26 17.83
CA ALA C 34 -10.59 18.11 18.26
C ALA C 34 -10.92 16.70 18.76
N PHE C 35 -10.57 15.69 17.96
CA PHE C 35 -10.85 14.31 18.34
C PHE C 35 -10.03 13.88 19.55
N LYS C 36 -8.77 14.27 19.58
CA LYS C 36 -7.86 13.95 20.69
C LYS C 36 -8.44 14.50 22.00
N LYS C 37 -8.91 15.74 21.96
CA LYS C 37 -9.52 16.37 23.14
C LYS C 37 -10.82 15.66 23.56
N ALA C 38 -11.61 15.23 22.57
CA ALA C 38 -12.86 14.49 22.83
C ALA C 38 -12.61 13.13 23.50
N PHE C 39 -11.58 12.43 23.06
CA PHE C 39 -11.17 11.19 23.74
C PHE C 39 -10.64 11.48 25.15
N LYS C 40 -9.90 12.57 25.32
CA LYS C 40 -9.38 12.94 26.63
C LYS C 40 -10.48 13.23 27.65
N VAL C 41 -11.63 13.72 27.19
CA VAL C 41 -12.80 13.89 28.06
C VAL C 41 -13.10 12.59 28.81
N TRP C 42 -13.03 11.47 28.08
CA TRP C 42 -13.36 10.17 28.65
C TRP C 42 -12.17 9.47 29.33
N SER C 43 -10.97 9.61 28.79
CA SER C 43 -9.79 8.99 29.43
C SER C 43 -9.47 9.67 30.77
N ASP C 44 -9.89 10.91 30.95
CA ASP C 44 -9.68 11.63 32.22
C ASP C 44 -10.62 11.14 33.32
N VAL C 45 -11.72 10.48 32.95
CA VAL C 45 -12.71 10.03 33.94
C VAL C 45 -12.88 8.50 33.98
N THR C 46 -12.01 7.78 33.27
CA THR C 46 -12.01 6.32 33.25
C THR C 46 -10.57 5.80 33.22
N PRO C 47 -10.38 4.47 33.35
CA PRO C 47 -9.06 3.87 33.11
C PRO C 47 -8.72 3.65 31.63
N LEU C 48 -9.56 4.13 30.71
CA LEU C 48 -9.36 3.90 29.27
C LEU C 48 -8.24 4.78 28.71
N ASN C 49 -7.53 4.26 27.72
CA ASN C 49 -6.51 5.00 26.98
C ASN C 49 -6.78 4.86 25.49
N PHE C 50 -6.48 5.91 24.74
CA PHE C 50 -6.74 5.93 23.30
C PHE C 50 -5.47 6.26 22.53
N THR C 51 -5.18 5.43 21.53
CA THR C 51 -4.01 5.61 20.67
C THR C 51 -4.47 5.78 19.24
N ARG C 52 -3.98 6.82 18.56
CA ARG C 52 -4.35 7.04 17.17
C ARG C 52 -3.48 6.17 16.24
N LEU C 53 -4.15 5.45 15.35
CA LEU C 53 -3.46 4.68 14.31
C LEU C 53 -3.60 5.48 13.02
N HIS C 54 -2.53 5.47 12.21
CA HIS C 54 -2.50 6.28 10.99
C HIS C 54 -3.06 5.50 9.80
N ASP C 55 -3.21 4.20 9.96
CA ASP C 55 -3.79 3.33 8.93
C ASP C 55 -4.23 2.02 9.57
N GLY C 56 -4.92 1.18 8.78
CA GLY C 56 -5.30 -0.15 9.24
C GLY C 56 -6.56 -0.18 10.09
N ILE C 57 -6.74 -1.28 10.80
CA ILE C 57 -7.95 -1.55 11.55
C ILE C 57 -7.81 -1.12 13.00
N ALA C 58 -8.58 -0.11 13.38
CA ALA C 58 -8.64 0.41 14.75
C ALA C 58 -9.96 -0.03 15.39
N ASP C 59 -10.03 0.03 16.72
CA ASP C 59 -11.27 -0.30 17.42
C ASP C 59 -12.37 0.68 17.05
N ILE C 60 -11.99 1.95 16.94
CA ILE C 60 -12.91 3.03 16.65
C ILE C 60 -12.50 3.69 15.32
N MET C 61 -13.29 3.46 14.27
CA MET C 61 -13.00 4.00 12.95
C MET C 61 -13.86 5.26 12.75
N ILE C 62 -13.19 6.40 12.63
CA ILE C 62 -13.84 7.70 12.48
C ILE C 62 -13.89 8.07 11.00
N SER C 63 -15.07 8.38 10.49
CA SER C 63 -15.21 8.77 9.09
C SER C 63 -16.25 9.86 8.90
N PHE C 64 -16.03 10.67 7.87
CA PHE C 64 -16.95 11.68 7.42
C PHE C 64 -17.66 11.14 6.20
N GLY C 65 -18.91 11.52 6.04
CA GLY C 65 -19.69 11.11 4.87
C GLY C 65 -20.91 11.98 4.73
N ILE C 66 -21.58 11.88 3.59
CA ILE C 66 -22.83 12.60 3.34
C ILE C 66 -23.89 11.63 2.83
N LYS C 67 -25.14 11.96 3.14
CA LYS C 67 -26.29 11.16 2.71
C LYS C 67 -26.02 9.67 2.99
N GLU C 68 -26.20 8.79 2.00
CA GLU C 68 -25.87 7.38 2.18
C GLU C 68 -24.35 7.25 2.22
N HIS C 69 -23.85 6.53 3.23
CA HIS C 69 -22.41 6.36 3.41
C HIS C 69 -22.00 4.97 3.92
N GLY C 70 -22.88 3.99 3.77
CA GLY C 70 -22.55 2.58 4.04
C GLY C 70 -23.17 1.97 5.27
N ASP C 71 -24.30 2.51 5.71
CA ASP C 71 -25.04 1.92 6.82
C ASP C 71 -26.54 2.28 6.72
N PHE C 72 -27.31 1.92 7.74
CA PHE C 72 -28.75 2.19 7.77
C PHE C 72 -29.11 3.53 8.40
N TYR C 73 -28.14 4.45 8.49
CA TYR C 73 -28.37 5.75 9.09
C TYR C 73 -27.88 6.87 8.17
N PRO C 74 -28.49 7.00 6.98
CA PRO C 74 -28.05 8.04 6.04
C PRO C 74 -28.18 9.44 6.64
N PHE C 75 -27.27 10.32 6.24
CA PHE C 75 -27.32 11.71 6.66
C PHE C 75 -28.29 12.49 5.77
N ASP C 76 -28.48 13.76 6.09
CA ASP C 76 -29.66 14.50 5.61
C ASP C 76 -29.36 15.91 5.11
N GLY C 77 -28.12 16.18 4.73
CA GLY C 77 -27.74 17.53 4.33
C GLY C 77 -27.43 18.37 5.57
N PRO C 78 -27.30 19.70 5.39
CA PRO C 78 -26.94 20.56 6.51
C PRO C 78 -27.99 20.56 7.64
N SER C 79 -27.51 20.71 8.87
CA SER C 79 -28.33 20.69 10.07
C SER C 79 -29.00 19.32 10.31
N GLY C 80 -29.98 19.26 11.21
CA GLY C 80 -30.58 17.97 11.59
C GLY C 80 -29.57 16.98 12.15
N LEU C 81 -29.51 15.80 11.54
CA LEU C 81 -28.55 14.77 11.96
C LEU C 81 -27.14 15.31 11.79
N LEU C 82 -26.34 15.23 12.86
CA LEU C 82 -24.95 15.70 12.84
C LEU C 82 -23.97 14.53 12.78
N ALA C 83 -24.23 13.49 13.56
CA ALA C 83 -23.34 12.35 13.64
C ALA C 83 -24.03 11.17 14.29
N HIS C 84 -23.39 10.02 14.22
CA HIS C 84 -23.83 8.85 14.99
C HIS C 84 -22.65 7.91 15.19
N ALA C 85 -22.80 7.02 16.16
CA ALA C 85 -21.74 6.08 16.49
C ALA C 85 -22.34 4.78 17.02
N PHE C 86 -21.59 3.69 16.87
CA PHE C 86 -22.07 2.36 17.23
C PHE C 86 -21.49 1.92 18.57
N PRO C 87 -22.26 1.14 19.35
CA PRO C 87 -21.83 0.72 20.68
C PRO C 87 -20.60 -0.18 20.63
N PRO C 88 -19.89 -0.32 21.77
CA PRO C 88 -18.70 -1.16 21.83
C PRO C 88 -18.94 -2.58 21.32
N GLY C 89 -17.96 -3.12 20.61
CA GLY C 89 -18.05 -4.48 20.12
C GLY C 89 -17.16 -4.71 18.92
N PRO C 90 -17.14 -5.94 18.40
CA PRO C 90 -16.38 -6.25 17.21
C PRO C 90 -17.01 -5.64 15.97
N ASN C 91 -16.34 -5.78 14.83
CA ASN C 91 -16.86 -5.38 13.53
C ASN C 91 -17.04 -3.86 13.41
N TYR C 92 -18.28 -3.36 13.40
CA TYR C 92 -18.51 -1.91 13.31
C TYR C 92 -18.52 -1.23 14.68
N GLY C 93 -18.49 -2.02 15.75
CA GLY C 93 -18.59 -1.50 17.10
C GLY C 93 -17.59 -0.39 17.38
N GLY C 94 -18.09 0.72 17.92
CA GLY C 94 -17.27 1.88 18.26
C GLY C 94 -17.14 2.92 17.17
N ASP C 95 -17.42 2.55 15.92
CA ASP C 95 -17.22 3.46 14.79
C ASP C 95 -18.08 4.72 14.95
N ALA C 96 -17.54 5.85 14.52
CA ALA C 96 -18.21 7.14 14.65
C ALA C 96 -18.24 7.83 13.29
N HIS C 97 -19.43 8.23 12.86
CA HIS C 97 -19.62 8.88 11.57
C HIS C 97 -20.08 10.32 11.75
N PHE C 98 -19.51 11.24 10.96
CA PHE C 98 -19.87 12.65 11.03
C PHE C 98 -20.36 13.16 9.67
N ASP C 99 -21.41 13.99 9.68
CA ASP C 99 -22.03 14.49 8.45
C ASP C 99 -21.17 15.61 7.82
N ASP C 100 -20.63 15.36 6.63
CA ASP C 100 -19.79 16.36 5.97
C ASP C 100 -20.59 17.40 5.18
N ASP C 101 -21.92 17.42 5.39
CA ASP C 101 -22.74 18.54 4.93
C ASP C 101 -22.92 19.58 6.04
N GLU C 102 -22.28 19.35 7.19
CA GLU C 102 -22.23 20.37 8.24
C GLU C 102 -21.00 21.23 8.09
N THR C 103 -21.09 22.46 8.56
CA THR C 103 -19.93 23.31 8.72
C THR C 103 -19.31 22.97 10.07
N TRP C 104 -18.20 22.25 10.04
CA TRP C 104 -17.49 21.85 11.26
C TRP C 104 -16.49 22.92 11.66
N THR C 105 -16.45 23.25 12.95
CA THR C 105 -15.56 24.31 13.43
C THR C 105 -14.91 23.99 14.77
N SER C 106 -13.95 24.83 15.14
CA SER C 106 -13.35 24.87 16.47
C SER C 106 -13.87 26.07 17.27
N SER C 107 -14.98 26.66 16.83
CA SER C 107 -15.54 27.85 17.45
C SER C 107 -16.99 27.59 17.89
N SER C 108 -17.70 28.64 18.28
CA SER C 108 -19.14 28.55 18.56
C SER C 108 -19.98 28.67 17.28
N LYS C 109 -19.32 28.94 16.15
CA LYS C 109 -19.99 28.95 14.85
C LYS C 109 -20.22 27.51 14.38
N GLY C 110 -21.01 27.34 13.34
CA GLY C 110 -21.33 26.03 12.78
C GLY C 110 -21.62 24.99 13.86
N TYR C 111 -21.16 23.77 13.65
CA TYR C 111 -21.24 22.76 14.69
C TYR C 111 -19.82 22.45 15.19
N ASN C 112 -19.64 22.49 16.50
CA ASN C 112 -18.32 22.31 17.09
C ASN C 112 -17.96 20.82 17.06
N LEU C 113 -16.92 20.48 16.28
CA LEU C 113 -16.53 19.08 16.10
C LEU C 113 -16.13 18.42 17.41
N PHE C 114 -15.35 19.11 18.21
CA PHE C 114 -14.95 18.57 19.52
C PHE C 114 -16.16 18.08 20.33
N LEU C 115 -17.17 18.92 20.47
N LEU C 115 -17.16 18.94 20.45
CA LEU C 115 -18.30 18.59 21.34
CA LEU C 115 -18.33 18.70 21.29
C LEU C 115 -19.16 17.48 20.78
C LEU C 115 -19.14 17.50 20.78
N VAL C 116 -19.47 17.52 19.49
CA VAL C 116 -20.22 16.45 18.86
C VAL C 116 -19.43 15.14 18.99
N ALA C 117 -18.13 15.20 18.72
CA ALA C 117 -17.24 14.05 18.88
C ALA C 117 -17.27 13.49 20.30
N ALA C 118 -17.17 14.36 21.30
CA ALA C 118 -17.15 13.91 22.69
C ALA C 118 -18.43 13.14 23.01
N HIS C 119 -19.56 13.66 22.54
CA HIS C 119 -20.85 12.97 22.62
C HIS C 119 -20.83 11.62 21.88
N GLU C 120 -20.38 11.63 20.63
CA GLU C 120 -20.34 10.41 19.84
C GLU C 120 -19.43 9.35 20.45
N PHE C 121 -18.29 9.77 21.00
CA PHE C 121 -17.37 8.82 21.62
C PHE C 121 -17.97 8.25 22.91
N GLY C 122 -18.88 8.97 23.53
CA GLY C 122 -19.70 8.40 24.60
C GLY C 122 -20.48 7.19 24.11
N HIS C 123 -21.08 7.30 22.93
CA HIS C 123 -21.75 6.17 22.30
C HIS C 123 -20.76 5.05 22.00
N SER C 124 -19.61 5.42 21.41
CA SER C 124 -18.53 4.47 21.12
C SER C 124 -18.06 3.66 22.33
N LEU C 125 -18.23 4.23 23.52
CA LEU C 125 -17.81 3.58 24.78
C LEU C 125 -18.97 2.91 25.55
N GLY C 126 -20.20 3.08 25.08
CA GLY C 126 -21.34 2.39 25.68
C GLY C 126 -22.44 3.25 26.30
N LEU C 127 -22.33 4.58 26.22
CA LEU C 127 -23.38 5.44 26.75
C LEU C 127 -24.48 5.64 25.71
N ASP C 128 -25.73 5.48 26.14
CA ASP C 128 -26.87 5.87 25.32
C ASP C 128 -27.24 7.29 25.71
N HIS C 129 -28.34 7.80 25.18
CA HIS C 129 -28.75 9.17 25.45
C HIS C 129 -29.27 9.35 26.86
N SER C 130 -28.88 10.48 27.46
CA SER C 130 -29.35 10.88 28.77
C SER C 130 -30.64 11.68 28.63
N LYS C 131 -31.42 11.68 29.70
CA LYS C 131 -32.62 12.51 29.80
C LYS C 131 -32.31 13.81 30.56
N ASP C 132 -31.10 13.90 31.11
CA ASP C 132 -30.66 15.10 31.80
C ASP C 132 -30.29 16.15 30.76
N PRO C 133 -31.03 17.29 30.73
CA PRO C 133 -30.81 18.30 29.69
C PRO C 133 -29.45 18.99 29.72
N GLY C 134 -28.76 18.93 30.86
CA GLY C 134 -27.41 19.48 30.97
C GLY C 134 -26.30 18.51 30.60
N ALA C 135 -26.65 17.27 30.26
CA ALA C 135 -25.68 16.21 29.99
C ALA C 135 -25.08 16.28 28.58
N LEU C 136 -23.82 15.89 28.46
CA LEU C 136 -23.17 15.74 27.16
C LEU C 136 -23.94 14.75 26.28
N MET C 137 -24.44 13.68 26.89
CA MET C 137 -25.18 12.64 26.16
C MET C 137 -26.66 12.97 25.95
N PHE C 138 -27.06 14.21 26.22
CA PHE C 138 -28.40 14.68 25.87
C PHE C 138 -28.47 14.82 24.34
N PRO C 139 -29.56 14.34 23.70
CA PRO C 139 -29.56 14.26 22.22
C PRO C 139 -29.96 15.54 21.48
N ILE C 140 -29.80 16.69 22.12
CA ILE C 140 -30.06 17.97 21.46
C ILE C 140 -28.80 18.83 21.56
N TYR C 141 -28.30 19.26 20.41
CA TYR C 141 -27.16 20.17 20.34
C TYR C 141 -27.59 21.58 20.75
N THR C 142 -27.05 22.08 21.86
CA THR C 142 -27.33 23.44 22.33
C THR C 142 -26.05 24.19 22.72
N TYR C 143 -24.91 23.76 22.20
CA TYR C 143 -23.61 24.34 22.54
C TYR C 143 -23.54 25.82 22.18
N THR C 144 -23.03 26.62 23.11
CA THR C 144 -22.99 28.07 22.98
C THR C 144 -21.56 28.66 22.94
N GLY C 145 -20.62 28.01 23.65
CA GLY C 145 -19.22 28.48 23.69
C GLY C 145 -18.80 29.16 24.97
N LYS C 146 -19.71 29.28 25.94
CA LYS C 146 -19.41 29.83 27.27
C LYS C 146 -18.87 28.72 28.18
N SER C 147 -17.54 28.55 28.15
CA SER C 147 -16.88 27.35 28.69
C SER C 147 -15.79 27.80 29.71
N HIS C 148 -14.68 27.08 29.95
CA HIS C 148 -14.26 25.82 29.30
C HIS C 148 -15.17 24.63 29.61
N PHE C 149 -15.13 23.65 28.71
CA PHE C 149 -15.94 22.45 28.81
C PHE C 149 -15.55 21.65 30.05
N MET C 150 -16.55 21.25 30.81
CA MET C 150 -16.38 20.35 31.95
C MET C 150 -17.47 19.30 31.85
N LEU C 151 -17.08 18.03 31.87
CA LEU C 151 -18.02 16.92 31.73
C LEU C 151 -19.05 16.99 32.86
N PRO C 152 -20.35 17.05 32.53
CA PRO C 152 -21.40 17.08 33.56
C PRO C 152 -21.47 15.80 34.41
N ASP C 153 -21.98 15.95 35.63
CA ASP C 153 -22.10 14.84 36.60
C ASP C 153 -22.79 13.60 36.03
N ASP C 154 -23.86 13.81 35.27
CA ASP C 154 -24.64 12.70 34.72
C ASP C 154 -23.79 11.78 33.85
N ASP C 155 -22.94 12.38 33.01
CA ASP C 155 -22.09 11.64 32.09
C ASP C 155 -20.97 10.89 32.82
N VAL C 156 -20.41 11.55 33.83
CA VAL C 156 -19.42 10.92 34.70
C VAL C 156 -20.01 9.68 35.38
N GLN C 157 -21.20 9.86 35.96
CA GLN C 157 -21.90 8.76 36.64
C GLN C 157 -22.18 7.62 35.65
N GLY C 158 -22.62 7.97 34.44
CA GLY C 158 -22.90 7.00 33.39
C GLY C 158 -21.67 6.20 32.98
N ILE C 159 -20.59 6.90 32.66
CA ILE C 159 -19.38 6.24 32.16
C ILE C 159 -18.71 5.40 33.24
N GLN C 160 -18.76 5.88 34.48
CA GLN C 160 -18.18 5.15 35.61
C GLN C 160 -19.01 3.91 35.96
N SER C 161 -20.31 3.94 35.67
CA SER C 161 -21.15 2.76 35.80
C SER C 161 -20.68 1.64 34.86
N LEU C 162 -20.06 2.02 33.76
CA LEU C 162 -19.48 1.07 32.81
C LEU C 162 -18.03 0.71 33.12
N TYR C 163 -17.20 1.70 33.46
CA TYR C 163 -15.75 1.50 33.55
C TYR C 163 -15.13 1.75 34.94
N GLY C 164 -15.86 2.38 35.84
CA GLY C 164 -15.47 2.48 37.24
C GLY C 164 -14.32 3.43 37.55
N ALA D 1 12.34 -42.79 20.02
CA ALA D 1 11.22 -42.06 19.36
C ALA D 1 11.27 -40.57 19.66
N ASN D 2 10.68 -39.79 18.77
CA ASN D 2 10.61 -38.34 18.91
C ASN D 2 9.22 -37.84 18.59
N VAL D 3 8.74 -36.89 19.37
CA VAL D 3 7.45 -36.24 19.11
C VAL D 3 7.71 -34.81 18.67
N PHE D 4 6.74 -34.25 17.94
CA PHE D 4 6.85 -32.87 17.50
C PHE D 4 6.71 -31.96 18.71
N PRO D 5 7.56 -30.92 18.79
CA PRO D 5 7.53 -30.04 19.96
C PRO D 5 6.22 -29.26 20.03
N ARG D 6 5.74 -29.05 21.25
CA ARG D 6 4.46 -28.39 21.50
C ARG D 6 4.54 -26.91 21.13
N THR D 7 5.31 -26.16 21.90
CA THR D 7 5.50 -24.73 21.68
C THR D 7 6.56 -24.55 20.58
N LEU D 8 6.23 -23.73 19.58
CA LEU D 8 7.15 -23.48 18.47
C LEU D 8 8.24 -22.50 18.90
N LYS D 9 9.39 -23.05 19.27
CA LYS D 9 10.54 -22.28 19.69
C LYS D 9 11.83 -22.99 19.27
N TRP D 10 12.91 -22.23 19.16
CA TRP D 10 14.21 -22.79 18.84
C TRP D 10 14.75 -23.54 20.05
N SER D 11 15.32 -24.73 19.81
CA SER D 11 15.90 -25.55 20.87
C SER D 11 17.38 -25.22 21.11
N LYS D 12 18.02 -24.63 20.12
CA LYS D 12 19.40 -24.17 20.26
C LYS D 12 19.40 -22.66 20.46
N MET D 13 20.36 -22.17 21.24
CA MET D 13 20.47 -20.74 21.57
C MET D 13 21.30 -19.97 20.56
N ASN D 14 22.05 -20.68 19.73
CA ASN D 14 22.88 -20.04 18.73
C ASN D 14 22.27 -20.28 17.34
N LEU D 15 21.76 -19.20 16.76
CA LEU D 15 21.02 -19.25 15.52
C LEU D 15 21.79 -18.48 14.46
N THR D 16 21.55 -18.84 13.19
CA THR D 16 22.18 -18.16 12.07
C THR D 16 21.13 -17.50 11.19
N TYR D 17 21.53 -16.40 10.55
CA TYR D 17 20.70 -15.76 9.55
C TYR D 17 21.49 -15.41 8.32
N ARG D 18 20.78 -15.27 7.21
CA ARG D 18 21.37 -14.91 5.93
C ARG D 18 20.50 -13.86 5.26
N ILE D 19 21.12 -12.78 4.81
CA ILE D 19 20.44 -11.78 3.99
C ILE D 19 20.59 -12.23 2.53
N VAL D 20 19.53 -12.83 1.99
CA VAL D 20 19.60 -13.48 0.67
C VAL D 20 19.74 -12.47 -0.48
N ASN D 21 18.96 -11.40 -0.39
CA ASN D 21 19.05 -10.29 -1.33
C ASN D 21 18.76 -8.98 -0.59
N TYR D 22 18.87 -7.86 -1.29
CA TYR D 22 18.85 -6.53 -0.66
C TYR D 22 17.90 -5.58 -1.38
N THR D 23 17.14 -4.81 -0.59
CA THR D 23 16.31 -3.76 -1.15
C THR D 23 17.17 -2.65 -1.77
N PRO D 24 16.67 -2.03 -2.86
CA PRO D 24 17.37 -0.89 -3.47
C PRO D 24 17.43 0.38 -2.62
N ASP D 25 16.52 0.50 -1.65
CA ASP D 25 16.29 1.80 -0.97
C ASP D 25 17.37 2.17 0.03
N MET D 26 18.18 1.19 0.46
CA MET D 26 19.19 1.39 1.48
C MET D 26 20.48 0.71 1.02
N THR D 27 21.63 1.19 1.51
CA THR D 27 22.91 0.55 1.17
C THR D 27 23.00 -0.82 1.84
N HIS D 28 23.87 -1.69 1.33
CA HIS D 28 24.13 -2.99 1.96
C HIS D 28 24.40 -2.81 3.45
N SER D 29 25.30 -1.87 3.77
CA SER D 29 25.66 -1.56 5.14
C SER D 29 24.46 -1.19 6.00
N GLU D 30 23.63 -0.27 5.50
CA GLU D 30 22.42 0.18 6.22
C GLU D 30 21.44 -0.96 6.45
N VAL D 31 21.28 -1.82 5.45
CA VAL D 31 20.41 -3.00 5.58
C VAL D 31 20.97 -3.95 6.64
N GLU D 32 22.27 -4.21 6.57
CA GLU D 32 22.94 -5.06 7.55
C GLU D 32 22.83 -4.50 8.97
N LYS D 33 23.04 -3.20 9.11
CA LYS D 33 22.95 -2.54 10.42
C LYS D 33 21.53 -2.62 10.99
N ALA D 34 20.54 -2.49 10.12
CA ALA D 34 19.13 -2.55 10.54
C ALA D 34 18.78 -3.91 11.11
N PHE D 35 19.13 -4.98 10.38
CA PHE D 35 18.81 -6.34 10.81
C PHE D 35 19.61 -6.74 12.06
N LYS D 36 20.87 -6.30 12.13
CA LYS D 36 21.73 -6.59 13.29
C LYS D 36 21.16 -5.95 14.57
N LYS D 37 20.74 -4.69 14.46
CA LYS D 37 20.06 -4.00 15.56
C LYS D 37 18.74 -4.68 15.92
N ALA D 38 18.00 -5.14 14.91
CA ALA D 38 16.75 -5.87 15.13
C ALA D 38 16.95 -7.17 15.91
N PHE D 39 17.98 -7.93 15.56
CA PHE D 39 18.32 -9.13 16.33
C PHE D 39 18.78 -8.78 17.75
N LYS D 40 19.57 -7.72 17.90
CA LYS D 40 20.01 -7.30 19.23
C LYS D 40 18.85 -6.96 20.18
N VAL D 41 17.72 -6.52 19.64
CA VAL D 41 16.51 -6.34 20.45
C VAL D 41 16.19 -7.62 21.23
N TRP D 42 16.30 -8.76 20.57
CA TRP D 42 15.91 -10.04 21.14
C TRP D 42 17.05 -10.72 21.92
N SER D 43 18.28 -10.58 21.44
CA SER D 43 19.44 -11.16 22.15
C SER D 43 19.74 -10.44 23.47
N ASP D 44 19.29 -9.18 23.59
CA ASP D 44 19.43 -8.43 24.84
C ASP D 44 18.45 -8.89 25.93
N VAL D 45 17.38 -9.60 25.54
CA VAL D 45 16.35 -10.02 26.50
C VAL D 45 16.17 -11.54 26.59
N THR D 46 17.04 -12.30 25.93
CA THR D 46 17.03 -13.76 25.95
C THR D 46 18.48 -14.26 25.98
N PRO D 47 18.68 -15.58 26.15
CA PRO D 47 20.02 -16.14 25.96
C PRO D 47 20.37 -16.46 24.50
N LEU D 48 19.59 -15.95 23.55
CA LEU D 48 19.83 -16.23 22.13
C LEU D 48 21.00 -15.40 21.58
N ASN D 49 21.72 -15.97 20.62
CA ASN D 49 22.76 -15.26 19.87
C ASN D 49 22.54 -15.49 18.38
N PHE D 50 22.93 -14.51 17.57
CA PHE D 50 22.70 -14.56 16.12
C PHE D 50 24.00 -14.30 15.36
N THR D 51 24.27 -15.13 14.36
CA THR D 51 25.45 -15.00 13.52
C THR D 51 25.01 -14.90 12.08
N ARG D 52 25.56 -13.95 11.35
CA ARG D 52 25.21 -13.77 9.94
C ARG D 52 26.08 -14.66 9.07
N LEU D 53 25.42 -15.42 8.18
CA LEU D 53 26.11 -16.20 7.15
C LEU D 53 25.98 -15.48 5.81
N HIS D 54 27.04 -15.50 5.02
CA HIS D 54 27.05 -14.76 3.75
C HIS D 54 26.54 -15.62 2.59
N ASP D 55 26.33 -16.90 2.83
CA ASP D 55 25.78 -17.81 1.83
C ASP D 55 25.28 -19.10 2.47
N GLY D 56 24.62 -19.93 1.68
CA GLY D 56 24.18 -21.25 2.14
C GLY D 56 22.92 -21.20 2.98
N ILE D 57 22.74 -22.24 3.80
CA ILE D 57 21.51 -22.40 4.58
C ILE D 57 21.68 -21.89 6.01
N ALA D 58 20.87 -20.90 6.36
CA ALA D 58 20.82 -20.34 7.72
C ALA D 58 19.49 -20.74 8.34
N ASP D 59 19.39 -20.64 9.67
CA ASP D 59 18.12 -20.90 10.36
C ASP D 59 17.04 -19.93 9.92
N ILE D 60 17.44 -18.66 9.80
CA ILE D 60 16.54 -17.58 9.41
C ILE D 60 17.02 -17.01 8.08
N MET D 61 16.26 -17.28 7.02
CA MET D 61 16.58 -16.78 5.67
C MET D 61 15.77 -15.53 5.38
N ILE D 62 16.47 -14.41 5.21
CA ILE D 62 15.83 -13.11 5.00
C ILE D 62 15.84 -12.77 3.52
N SER D 63 14.69 -12.42 2.96
CA SER D 63 14.62 -12.04 1.56
C SER D 63 13.60 -10.95 1.30
N PHE D 64 13.89 -10.13 0.31
CA PHE D 64 12.96 -9.16 -0.21
C PHE D 64 12.30 -9.74 -1.45
N GLY D 65 11.04 -9.38 -1.66
CA GLY D 65 10.32 -9.81 -2.85
C GLY D 65 9.11 -8.93 -3.08
N ILE D 66 8.44 -9.12 -4.21
CA ILE D 66 7.21 -8.41 -4.52
C ILE D 66 6.16 -9.39 -5.03
N LYS D 67 4.89 -9.05 -4.83
CA LYS D 67 3.76 -9.85 -5.29
C LYS D 67 4.00 -11.32 -4.91
N GLU D 68 3.81 -12.25 -5.85
CA GLU D 68 4.10 -13.66 -5.57
C GLU D 68 5.61 -13.84 -5.45
N HIS D 69 6.05 -14.47 -4.37
CA HIS D 69 7.49 -14.66 -4.15
C HIS D 69 7.84 -16.04 -3.61
N GLY D 70 6.92 -17.00 -3.73
CA GLY D 70 7.18 -18.40 -3.42
C GLY D 70 6.58 -18.93 -2.13
N ASP D 71 5.42 -18.42 -1.76
CA ASP D 71 4.66 -18.94 -0.61
C ASP D 71 3.18 -18.57 -0.74
N PHE D 72 2.38 -18.82 0.31
CA PHE D 72 0.94 -18.52 0.25
C PHE D 72 0.61 -17.13 0.80
N TYR D 73 1.61 -16.26 0.90
CA TYR D 73 1.44 -14.93 1.45
C TYR D 73 1.94 -13.90 0.45
N PRO D 74 1.37 -13.89 -0.77
CA PRO D 74 1.85 -12.92 -1.75
C PRO D 74 1.75 -11.48 -1.24
N PHE D 75 2.70 -10.66 -1.64
CA PHE D 75 2.66 -9.24 -1.30
C PHE D 75 1.72 -8.50 -2.26
N ASP D 76 1.50 -7.23 -2.00
CA ASP D 76 0.33 -6.53 -2.54
C ASP D 76 0.62 -5.14 -3.10
N GLY D 77 1.88 -4.89 -3.45
CA GLY D 77 2.28 -3.57 -3.92
C GLY D 77 2.45 -2.62 -2.74
N PRO D 78 2.46 -1.30 -3.01
CA PRO D 78 2.73 -0.33 -1.95
C PRO D 78 1.66 -0.35 -0.85
N SER D 79 2.11 -0.15 0.39
CA SER D 79 1.26 -0.18 1.58
C SER D 79 0.67 -1.57 1.85
N GLY D 80 -0.28 -1.63 2.78
CA GLY D 80 -0.89 -2.90 3.17
C GLY D 80 0.14 -3.82 3.81
N LEU D 81 0.28 -5.02 3.25
CA LEU D 81 1.25 -5.99 3.77
C LEU D 81 2.65 -5.41 3.63
N LEU D 82 3.41 -5.43 4.72
CA LEU D 82 4.80 -4.94 4.72
C LEU D 82 5.80 -6.09 4.73
N ALA D 83 5.49 -7.10 5.53
CA ALA D 83 6.40 -8.21 5.75
C ALA D 83 5.68 -9.37 6.44
N HIS D 84 6.32 -10.54 6.48
CA HIS D 84 5.84 -11.67 7.27
C HIS D 84 7.00 -12.61 7.53
N ALA D 85 6.80 -13.49 8.51
CA ALA D 85 7.83 -14.42 8.94
C ALA D 85 7.19 -15.67 9.49
N PHE D 86 7.91 -16.78 9.38
CA PHE D 86 7.39 -18.09 9.74
C PHE D 86 7.92 -18.49 11.11
N PRO D 87 7.11 -19.25 11.88
CA PRO D 87 7.52 -19.62 13.24
C PRO D 87 8.77 -20.53 13.24
N PRO D 88 9.44 -20.62 14.40
CA PRO D 88 10.60 -21.49 14.54
C PRO D 88 10.32 -22.94 14.11
N GLY D 89 11.31 -23.56 13.48
CA GLY D 89 11.19 -24.94 13.02
C GLY D 89 12.05 -25.19 11.81
N PRO D 90 12.09 -26.44 11.33
CA PRO D 90 12.87 -26.79 10.16
C PRO D 90 12.30 -26.21 8.86
N ASN D 91 13.01 -26.44 7.76
CA ASN D 91 12.55 -26.03 6.43
C ASN D 91 12.41 -24.50 6.32
N TYR D 92 11.19 -23.97 6.18
CA TYR D 92 11.00 -22.52 6.08
C TYR D 92 10.94 -21.81 7.43
N GLY D 93 10.90 -22.57 8.52
CA GLY D 93 10.74 -22.00 9.86
C GLY D 93 11.76 -20.90 10.11
N GLY D 94 11.30 -19.76 10.62
CA GLY D 94 12.18 -18.62 10.91
C GLY D 94 12.33 -17.60 9.79
N ASP D 95 12.03 -17.99 8.56
CA ASP D 95 12.32 -17.13 7.40
C ASP D 95 11.48 -15.86 7.49
N ALA D 96 12.06 -14.76 7.00
CA ALA D 96 11.42 -13.45 7.08
C ALA D 96 11.43 -12.83 5.69
N HIS D 97 10.25 -12.43 5.22
CA HIS D 97 10.08 -11.85 3.90
C HIS D 97 9.61 -10.41 4.01
N PHE D 98 10.20 -9.53 3.21
CA PHE D 98 9.87 -8.11 3.20
C PHE D 98 9.43 -7.65 1.80
N ASP D 99 8.36 -6.85 1.77
CA ASP D 99 7.78 -6.35 0.52
C ASP D 99 8.66 -5.26 -0.07
N ASP D 100 9.28 -5.53 -1.23
CA ASP D 100 10.14 -4.53 -1.86
C ASP D 100 9.37 -3.48 -2.68
N ASP D 101 8.04 -3.50 -2.60
CA ASP D 101 7.24 -2.38 -3.12
C ASP D 101 6.99 -1.30 -2.06
N GLU D 102 7.57 -1.47 -0.87
CA GLU D 102 7.61 -0.39 0.12
C GLU D 102 8.90 0.41 -0.04
N THR D 103 8.88 1.63 0.50
CA THR D 103 10.09 2.42 0.64
C THR D 103 10.69 2.14 2.02
N TRP D 104 11.83 1.45 2.04
CA TRP D 104 12.51 1.09 3.28
C TRP D 104 13.54 2.15 3.64
N THR D 105 13.60 2.50 4.93
CA THR D 105 14.44 3.60 5.39
C THR D 105 15.07 3.33 6.75
N SER D 106 16.04 4.17 7.09
CA SER D 106 16.61 4.25 8.43
C SER D 106 16.11 5.51 9.16
N SER D 107 14.97 6.04 8.72
CA SER D 107 14.44 7.31 9.22
C SER D 107 12.96 7.17 9.60
N SER D 108 12.28 8.31 9.77
CA SER D 108 10.84 8.32 10.02
C SER D 108 10.02 8.24 8.73
N LYS D 109 10.67 8.35 7.57
CA LYS D 109 9.97 8.31 6.29
C LYS D 109 9.72 6.86 5.89
N GLY D 110 8.88 6.66 4.88
CA GLY D 110 8.54 5.31 4.41
C GLY D 110 8.29 4.35 5.57
N TYR D 111 8.83 3.15 5.46
CA TYR D 111 8.75 2.16 6.54
C TYR D 111 10.15 1.84 7.07
N ASN D 112 10.33 2.05 8.36
CA ASN D 112 11.62 1.82 9.00
C ASN D 112 11.96 0.34 9.03
N LEU D 113 13.03 -0.06 8.34
CA LEU D 113 13.36 -1.48 8.19
C LEU D 113 13.69 -2.11 9.54
N PHE D 114 14.47 -1.40 10.35
CA PHE D 114 14.83 -1.90 11.67
C PHE D 114 13.59 -2.28 12.48
N LEU D 115 12.60 -1.38 12.50
CA LEU D 115 11.39 -1.58 13.32
C LEU D 115 10.56 -2.76 12.82
N VAL D 116 10.33 -2.79 11.51
CA VAL D 116 9.55 -3.88 10.92
C VAL D 116 10.31 -5.20 11.10
N ALA D 117 11.63 -5.18 10.92
CA ALA D 117 12.46 -6.38 11.10
C ALA D 117 12.41 -6.91 12.53
N ALA D 118 12.47 -6.01 13.51
CA ALA D 118 12.41 -6.39 14.91
C ALA D 118 11.12 -7.15 15.21
N HIS D 119 10.00 -6.61 14.71
CA HIS D 119 8.70 -7.28 14.79
C HIS D 119 8.74 -8.65 14.10
N GLU D 120 9.22 -8.69 12.86
CA GLU D 120 9.25 -9.95 12.11
C GLU D 120 10.10 -11.02 12.78
N PHE D 121 11.25 -10.63 13.33
CA PHE D 121 12.13 -11.57 14.03
C PHE D 121 11.47 -12.07 15.31
N GLY D 122 10.58 -11.27 15.89
CA GLY D 122 9.69 -11.74 16.93
C GLY D 122 8.94 -12.98 16.47
N HIS D 123 8.31 -12.91 15.30
CA HIS D 123 7.66 -14.08 14.70
C HIS D 123 8.66 -15.22 14.49
N SER D 124 9.82 -14.91 13.93
CA SER D 124 10.85 -15.92 13.68
C SER D 124 11.28 -16.67 14.94
N LEU D 125 11.09 -16.05 16.11
CA LEU D 125 11.45 -16.66 17.39
C LEU D 125 10.28 -17.30 18.13
N GLY D 126 9.05 -17.09 17.64
CA GLY D 126 7.88 -17.79 18.16
C GLY D 126 6.77 -16.93 18.74
N LEU D 127 6.90 -15.60 18.64
CA LEU D 127 5.87 -14.68 19.12
C LEU D 127 4.80 -14.44 18.07
N ASP D 128 3.54 -14.57 18.48
CA ASP D 128 2.42 -14.18 17.64
C ASP D 128 2.11 -12.71 17.97
N HIS D 129 1.02 -12.19 17.43
CA HIS D 129 0.69 -10.78 17.61
C HIS D 129 0.16 -10.46 19.00
N SER D 130 0.50 -9.25 19.45
CA SER D 130 0.02 -8.73 20.71
C SER D 130 -1.25 -7.90 20.46
N LYS D 131 -2.15 -7.91 21.45
CA LYS D 131 -3.32 -7.06 21.42
C LYS D 131 -3.06 -5.72 22.12
N ASP D 132 -1.85 -5.55 22.64
CA ASP D 132 -1.41 -4.29 23.26
C ASP D 132 -0.97 -3.30 22.19
N PRO D 133 -1.69 -2.19 22.00
CA PRO D 133 -1.34 -1.23 20.95
C PRO D 133 0.07 -0.64 21.04
N GLY D 134 0.67 -0.65 22.22
CA GLY D 134 2.03 -0.15 22.41
C GLY D 134 3.14 -1.17 22.16
N ALA D 135 2.78 -2.43 21.91
CA ALA D 135 3.77 -3.49 21.77
C ALA D 135 4.46 -3.47 20.41
N LEU D 136 5.69 -3.95 20.37
CA LEU D 136 6.40 -4.17 19.11
C LEU D 136 5.65 -5.19 18.24
N MET D 137 5.03 -6.18 18.88
CA MET D 137 4.30 -7.24 18.17
C MET D 137 2.84 -6.88 17.86
N PHE D 138 2.46 -5.62 18.04
CA PHE D 138 1.14 -5.16 17.61
C PHE D 138 1.13 -5.14 16.08
N PRO D 139 0.07 -5.66 15.44
CA PRO D 139 0.11 -5.86 13.98
C PRO D 139 -0.26 -4.63 13.14
N ILE D 140 0.03 -3.44 13.64
CA ILE D 140 -0.17 -2.20 12.89
C ILE D 140 1.07 -1.32 13.04
N TYR D 141 1.54 -0.76 11.92
CA TYR D 141 2.71 0.09 11.91
C TYR D 141 2.40 1.49 12.43
N THR D 142 3.05 1.87 13.53
CA THR D 142 2.99 3.24 14.06
C THR D 142 4.40 3.71 14.36
N TYR D 143 5.00 4.47 13.45
CA TYR D 143 6.41 4.83 13.59
C TYR D 143 6.74 5.34 14.98
N THR D 144 6.02 6.38 15.38
CA THR D 144 6.44 7.22 16.49
C THR D 144 6.36 6.57 17.86
N GLY D 145 7.53 6.14 18.35
CA GLY D 145 7.80 6.11 19.77
C GLY D 145 8.30 7.50 20.13
N LYS D 146 9.25 7.97 19.32
CA LYS D 146 9.81 9.34 19.38
C LYS D 146 11.26 9.28 19.84
N SER D 147 11.47 8.69 21.01
CA SER D 147 12.79 8.52 21.59
C SER D 147 13.50 7.34 20.92
N HIS D 148 14.68 6.97 21.44
CA HIS D 148 15.36 5.79 20.97
C HIS D 148 14.56 4.56 21.40
N PHE D 149 14.67 3.49 20.63
CA PHE D 149 13.81 2.31 20.82
C PHE D 149 14.05 1.61 22.16
N MET D 150 12.96 1.20 22.78
CA MET D 150 12.98 0.44 24.03
C MET D 150 11.91 -0.64 23.96
N LEU D 151 12.30 -1.91 24.06
CA LEU D 151 11.37 -3.02 23.93
C LEU D 151 10.29 -2.95 25.01
N PRO D 152 9.00 -2.85 24.59
CA PRO D 152 7.92 -2.76 25.57
C PRO D 152 7.79 -4.00 26.47
N ASP D 153 7.25 -3.79 27.67
CA ASP D 153 7.12 -4.88 28.65
C ASP D 153 6.34 -6.08 28.12
N ASP D 154 5.33 -5.81 27.29
CA ASP D 154 4.51 -6.89 26.74
C ASP D 154 5.36 -7.87 25.94
N ASP D 155 6.27 -7.33 25.14
CA ASP D 155 7.11 -8.16 24.27
C ASP D 155 8.17 -8.89 25.07
N VAL D 156 8.69 -8.22 26.11
CA VAL D 156 9.68 -8.83 27.00
C VAL D 156 9.05 -10.03 27.71
N GLN D 157 7.87 -9.81 28.28
CA GLN D 157 7.11 -10.90 28.92
C GLN D 157 6.88 -12.07 27.96
N GLY D 158 6.42 -11.77 26.75
CA GLY D 158 6.16 -12.80 25.74
C GLY D 158 7.37 -13.63 25.37
N ILE D 159 8.46 -12.96 25.02
CA ILE D 159 9.68 -13.66 24.59
C ILE D 159 10.32 -14.44 25.75
N GLN D 160 10.23 -13.90 26.97
CA GLN D 160 10.78 -14.58 28.13
C GLN D 160 9.95 -15.79 28.54
N SER D 161 8.65 -15.80 28.18
CA SER D 161 7.83 -17.00 28.38
C SER D 161 8.31 -18.15 27.48
N LEU D 162 8.98 -17.82 26.38
CA LEU D 162 9.53 -18.81 25.47
C LEU D 162 10.96 -19.22 25.86
N TYR D 163 11.82 -18.23 26.12
CA TYR D 163 13.27 -18.48 26.27
C TYR D 163 13.84 -18.25 27.68
N GLY D 164 13.07 -17.63 28.58
CA GLY D 164 13.47 -17.49 29.98
C GLY D 164 14.60 -16.50 30.23
C1 3O2 E . -10.33 -0.27 -11.18
F1 3O2 E . 2.96 10.48 -21.46
N1 3O2 E . -11.98 -2.57 -11.83
O1 3O2 E . -14.39 -5.31 -12.17
S1 3O2 E . -8.96 0.27 -10.15
C2 3O2 E . -10.97 -2.11 -12.82
F2 3O2 E . 2.13 8.45 -21.70
N2 3O2 E . -11.76 1.69 -11.42
O2 3O2 E . -9.50 1.13 -9.10
C3 3O2 E . -12.56 -1.45 -11.04
F3 3O2 E . 3.55 8.89 -20.07
N3 3O2 E . -2.52 4.27 -16.65
O3 3O2 E . -8.11 -0.85 -9.81
C4 3O2 E . -11.43 -0.79 -10.28
N4 3O2 E . -1.43 3.99 -15.92
O4 3O2 E . -5.72 3.91 -13.44
C5 3O2 E . -9.85 -1.40 -12.08
N5 3O2 E . -0.53 4.86 -16.36
O5 3O2 E . -10.46 1.07 -13.19
C6 3O2 E . -10.84 0.88 -12.04
N6 3O2 E . -2.42 5.26 -17.53
O6 3O2 E . -12.19 2.73 -12.28
C7 3O2 E . -13.05 -3.38 -12.47
O7 3O2 E . 1.44 9.82 -19.95
C8 3O2 E . -13.34 -4.56 -11.57
C9 3O2 E . -13.85 -6.53 -12.67
C10 3O2 E . -7.95 1.32 -11.16
C11 3O2 E . -6.45 3.00 -12.69
C12 3O2 E . -8.21 2.68 -11.13
C13 3O2 E . -6.96 0.79 -11.96
C14 3O2 E . -6.20 1.64 -12.73
C15 3O2 E . -7.44 3.52 -11.90
C16 3O2 E . -5.51 3.38 -14.74
C17 3O2 E . -4.54 4.29 -15.41
C18 3O2 E . -3.75 3.54 -16.46
C19 3O2 E . -1.14 5.61 -17.33
C20 3O2 E . -0.48 6.69 -18.03
C21 3O2 E . 0.81 8.76 -19.30
C22 3O2 E . -1.05 7.26 -19.14
C23 3O2 E . 0.74 7.15 -17.55
C24 3O2 E . 1.39 8.18 -18.18
C25 3O2 E . -0.40 8.30 -19.78
C26 3O2 E . 2.51 9.39 -20.79
ZN ZN F . -18.28 4.04 -4.29
ZN ZN G . -11.66 2.48 -14.31
CA CA H . -23.87 13.80 -8.71
CA CA I . -8.25 -1.05 -2.22
S SO4 J . -9.08 25.03 -6.72
O1 SO4 J . -9.83 25.85 -5.77
O2 SO4 J . -7.86 24.53 -6.10
O3 SO4 J . -9.91 23.89 -7.12
O4 SO4 J . -8.75 25.82 -7.90
S SO4 K . -23.25 25.03 -20.84
O1 SO4 K . -24.71 25.02 -20.70
O2 SO4 K . -22.64 24.55 -19.60
O3 SO4 K . -22.86 24.17 -21.96
O4 SO4 K . -22.79 26.39 -21.10
S SO4 L . -3.90 20.72 5.80
O1 SO4 L . -5.13 20.57 6.58
O2 SO4 L . -2.74 20.61 6.68
O3 SO4 L . -3.83 19.67 4.78
O4 SO4 L . -3.90 22.01 5.13
N1 EPE M . -18.96 0.36 -10.26
C2 EPE M . -18.94 -0.41 -11.52
C3 EPE M . -19.91 0.16 -12.55
N4 EPE M . -19.97 1.61 -12.60
C5 EPE M . -19.83 2.36 -11.37
C6 EPE M . -18.71 1.79 -10.50
C9 EPE M . -17.99 -0.10 -9.24
C10 EPE M . -17.56 -1.57 -9.29
S EPE M . -15.98 -1.80 -8.44
O1S EPE M . -15.53 -3.18 -8.59
O2S EPE M . -16.10 -1.46 -7.02
O3S EPE M . -15.00 -0.89 -9.04
C1 3O2 N . 19.80 -21.55 -18.62
F1 3O2 N . 33.29 -10.77 -28.98
N1 3O2 N . 18.11 -23.85 -19.12
O1 3O2 N . 15.53 -26.43 -19.05
S1 3O2 N . 21.19 -20.99 -17.61
C2 3O2 N . 19.07 -23.41 -20.17
F2 3O2 N . 32.77 -12.87 -28.55
N2 3O2 N . 18.39 -19.60 -18.84
O2 3O2 N . 20.68 -20.14 -16.55
C3 3O2 N . 17.56 -22.71 -18.35
F3 3O2 N . 34.05 -11.72 -27.15
N3 3O2 N . 27.93 -16.69 -23.92
O3 3O2 N . 22.02 -22.14 -17.30
C4 3O2 N . 18.72 -22.02 -17.66
N4 3O2 N . 29.02 -16.94 -23.19
O4 3O2 N . 24.46 -17.31 -20.84
C5 3O2 N . 20.24 -22.71 -19.49
N5 3O2 N . 29.91 -16.04 -23.61
O5 3O2 N . 19.58 -20.26 -20.67
C6 3O2 N . 19.27 -20.43 -19.50
N6 3O2 N . 28.01 -15.69 -24.80
O6 3O2 N . 18.06 -18.50 -19.66
C7 3O2 N . 17.04 -24.70 -19.68
O7 3O2 N . 31.83 -11.15 -27.27
C8 3O2 N . 16.71 -25.74 -18.64
C9 3O2 N . 15.52 -27.66 -18.33
C10 3O2 N . 22.20 -19.92 -18.60
C11 3O2 N . 23.73 -18.23 -20.11
C12 3O2 N . 21.89 -18.57 -18.62
C13 3O2 N . 23.26 -20.43 -19.32
C14 3O2 N . 24.02 -19.58 -20.08
C15 3O2 N . 22.67 -17.73 -19.38
C16 3O2 N . 25.32 -17.97 -21.75
C17 3O2 N . 25.91 -16.89 -22.61
C18 3O2 N . 26.71 -17.46 -23.75
C19 3O2 N . 29.28 -15.30 -24.58
C20 3O2 N . 29.93 -14.23 -25.27
C21 3O2 N . 31.21 -12.18 -26.60
C22 3O2 N . 29.42 -13.77 -26.48
C23 3O2 N . 31.07 -13.66 -24.74
C24 3O2 N . 31.71 -12.64 -25.40
C25 3O2 N . 30.06 -12.74 -27.14
C26 3O2 N . 32.98 -11.64 -27.98
ZN ZN O . 11.72 -17.11 -11.82
ZN ZN P . 18.57 -18.82 -21.77
CA CA Q . 6.52 -7.58 -16.48
CA CA R . 21.62 -22.41 -9.50
S SO4 S . 26.24 -0.57 -1.81
O1 SO4 S . 25.10 -0.83 -0.94
O2 SO4 S . 27.48 -0.65 -1.06
O3 SO4 S . 26.27 -1.57 -2.88
O4 SO4 S . 26.09 0.76 -2.41
S SO4 T . 21.92 3.57 -14.23
O1 SO4 T . 21.51 4.32 -13.04
O2 SO4 T . 23.29 3.10 -14.05
O3 SO4 T . 21.05 2.39 -14.39
O4 SO4 T . 21.80 4.42 -15.40
S SO4 U . 7.33 4.01 -28.60
O1 SO4 U . 5.94 3.76 -28.22
O2 SO4 U . 8.18 3.77 -27.45
O3 SO4 U . 7.71 3.12 -29.70
O4 SO4 U . 7.47 5.40 -29.03
N1 EPE V . 11.05 -20.70 -17.89
C2 EPE V . 11.16 -21.47 -19.15
C3 EPE V . 10.30 -20.91 -20.28
N4 EPE V . 10.28 -19.47 -20.34
C5 EPE V . 10.29 -18.71 -19.11
C6 EPE V . 11.31 -19.27 -18.13
C9 EPE V . 11.96 -21.14 -16.80
C10 EPE V . 12.37 -22.62 -16.81
S EPE V . 13.89 -22.87 -15.85
O1S EPE V . 14.33 -24.26 -16.00
O2S EPE V . 13.65 -22.57 -14.45
O3S EPE V . 14.94 -21.99 -16.36
C1 3O2 W . -28.24 12.82 17.04
F1 3O2 W . -19.21 23.30 31.51
N1 3O2 W . -30.69 11.26 16.86
O1 3O2 W . -33.06 9.00 15.61
S1 3O2 W . -27.42 14.30 16.43
C2 3O2 W . -30.40 12.00 18.11
F2 3O2 W . -21.24 22.45 31.43
N2 3O2 W . -26.43 11.25 17.30
O2 3O2 W . -26.44 13.92 15.44
C3 3O2 W . -29.46 10.76 16.19
F3 3O2 W . -20.67 24.14 30.11
N3 3O2 W . -24.52 19.34 24.63
O3 3O2 W . -28.42 15.31 16.12
C4 3O2 W . -28.60 11.95 15.83
N4 3O2 W . -24.63 20.56 24.10
O4 3O2 W . -24.32 16.46 20.93
C5 3O2 W . -29.52 13.19 17.78
N5 3O2 W . -23.85 21.31 24.87
O5 3O2 W . -27.46 12.01 19.20
C6 3O2 W . -27.36 12.01 17.97
N6 3O2 W . -23.73 19.20 25.70
O6 3O2 W . -25.53 10.67 18.22
C7 3O2 W . -31.64 10.16 17.13
O7 3O2 W . -19.71 22.07 29.74
C8 3O2 W . -32.82 10.28 16.19
C9 3O2 W . -34.33 8.55 16.07
C10 3O2 W . -26.51 14.96 17.80
C11 3O2 W . -25.10 15.98 19.89
C12 3O2 W . -25.16 14.69 17.90
C13 3O2 W . -27.17 15.73 18.74
C14 3O2 W . -26.44 16.25 19.80
C15 3O2 W . -24.45 15.21 18.95
C16 3O2 W . -25.20 16.91 21.96
C17 3O2 W . -24.35 17.55 23.02
C18 3O2 W . -25.23 18.20 24.06
C19 3O2 W . -23.32 20.47 25.83
C20 3O2 W . -22.40 20.91 26.83
C21 3O2 W . -20.63 21.70 28.77
C22 3O2 W . -22.23 20.15 27.98
C23 3O2 W . -21.68 22.08 26.67
C24 3O2 W . -20.78 22.47 27.64
C25 3O2 W . -21.34 20.54 28.94
C26 3O2 W . -20.24 22.99 30.68
ZN ZN X . -23.14 6.11 9.49
ZN ZN Y . -26.21 10.76 20.34
CA CA Z . -14.80 -1.08 14.37
CA CA AA . -27.02 16.85 8.73
S SO4 BA . -2.44 13.12 17.60
O1 SO4 BA . -2.92 14.49 17.44
O2 SO4 BA . -1.78 12.98 18.88
O3 SO4 BA . -3.59 12.23 17.54
O4 SO4 BA . -1.49 12.78 16.54
C1 3O2 CA . 1.37 -7.55 9.03
F1 3O2 CA . 10.22 3.35 23.82
N1 3O2 CA . -1.04 -9.20 8.84
O1 3O2 CA . -3.38 -10.95 7.36
S1 3O2 CA . 2.21 -6.08 8.43
C2 3O2 CA . -0.81 -8.37 10.05
F2 3O2 CA . 8.23 2.58 23.28
N2 3O2 CA . 3.25 -9.04 9.43
O2 3O2 CA . 3.21 -6.47 7.46
C3 3O2 CA . 0.23 -9.64 8.17
F3 3O2 CA . 9.15 4.26 22.14
N3 3O2 CA . 5.61 -0.79 16.52
O3 3O2 CA . 1.25 -5.05 8.06
C4 3O2 CA . 1.04 -8.41 7.82
N4 3O2 CA . 5.77 0.36 15.85
O4 3O2 CA . 5.38 -3.83 12.85
C5 3O2 CA . 0.07 -7.17 9.71
N5 3O2 CA . 6.53 1.10 16.64
O5 3O2 CA . 2.03 -8.34 11.22
C6 3O2 CA . 2.23 -8.33 10.01
N6 3O2 CA . 6.23 -0.88 17.70
O6 3O2 CA . 4.07 -9.65 10.42
C7 3O2 CA . -1.89 -10.37 9.13
O7 3O2 CA . 10.05 2.15 21.91
C8 3O2 CA . -3.26 -10.15 8.52
C9 3O2 CA . -4.77 -11.12 7.10
C10 3O2 CA . 3.13 -5.37 9.79
C11 3O2 CA . 4.57 -4.32 11.84
C12 3O2 CA . 4.46 -5.71 9.91
C13 3O2 CA . 2.50 -4.52 10.66
C14 3O2 CA . 3.23 -3.98 11.70
C15 3O2 CA . 5.17 -5.18 10.96
C16 3O2 CA . 4.61 -3.14 13.82
C17 3O2 CA . 5.57 -2.47 14.78
C18 3O2 CA . 4.84 -1.88 15.97
C19 3O2 CA . 6.78 0.33 17.75
C20 3O2 CA . 7.61 0.80 18.84
C21 3O2 CA . 9.22 1.72 20.88
C22 3O2 CA . 7.69 0.09 20.01
C23 3O2 CA . 8.33 1.97 18.69
C24 3O2 CA . 9.13 2.43 19.71
C25 3O2 CA . 8.50 0.54 21.04
C26 3O2 CA . 9.39 3.09 22.77
ZN ZN DA . 6.63 -14.65 1.89
ZN ZN EA . 3.36 -9.50 12.41
CA CA FA . 14.81 -21.63 7.17
CA CA GA . 2.76 -4.03 0.51
S SO4 HA . 27.21 -7.71 10.25
O1 SO4 HA . 26.64 -6.37 10.35
O2 SO4 HA . 27.78 -8.10 11.53
O3 SO4 HA . 26.13 -8.64 9.91
O4 SO4 HA . 28.23 -7.73 9.21
S SO4 IA . 23.33 -24.24 21.64
O1 SO4 IA . 22.14 -23.90 22.42
O2 SO4 IA . 24.54 -23.90 22.40
O3 SO4 IA . 23.32 -25.67 21.36
O4 SO4 IA . 23.35 -23.50 20.37
#